data_5HAA
#
_entry.id   5HAA
#
_cell.length_a   162.508
_cell.length_b   162.508
_cell.length_c   180.659
_cell.angle_alpha   90.00
_cell.angle_beta   90.00
_cell.angle_gamma   120.00
#
_symmetry.space_group_name_H-M   'P 62 2 2'
#
loop_
_entity.id
_entity.type
_entity.pdbx_description
1 polymer 'Ribonuclease J'
2 non-polymer 'ZINC ION'
3 non-polymer 'SULFATE ION'
4 water water
#
_entity_poly.entity_id   1
_entity_poly.type   'polypeptide(L)'
_entity_poly.pdbx_seq_one_letter_code
;MGSSHHHHHHSSGLVPRGSHMASTEIGIIAVGGYNEMGRNMTAIRVNEDIIIIDMGIRLDRVQIHEDVDTDRMHSLELIE
MGAIPDDTIMNEVNGNVRAIVCTHGHLDHIGAIPKLAHRYAAPIIATPYTTALIKHQIDSERKFGVKNNIVALKAGETLE
ITKDITIEFINTQHSIIDTVFVAIHTPSGAVVYACDFKFDRTPTLGEVPDFDRLKELGKEGVIALITESTNAGRNGKTPS
ELIAHMMLKDVLLGTEESAVGMIVTTFASHIARVNSIVQFAQEMGRIPVLLGRSMERYVGTAYQLGYIDLPENVEIYGSR
RDIDNALKKIMEAGKDKYLPVMTGHQGEPGAVLGRIANGETPFKVETGDRIIFSANVIPNPMTQANRYALETKLKMKGAR
IYDNVHVSGHAYREDHWELLRMLKPEHVIPAHGTIQMHSEYIQMAEDAGYSLGDTLHLLRNGEELYIEED
;
_entity_poly.pdbx_strand_id   A,B
#
loop_
_chem_comp.id
_chem_comp.type
_chem_comp.name
_chem_comp.formula
SO4 non-polymer 'SULFATE ION' 'O4 S -2'
ZN non-polymer 'ZINC ION' 'Zn 2'
#
# COMPACT_ATOMS: atom_id res chain seq x y z
N SER A 23 -30.52 -34.93 22.57
CA SER A 23 -29.68 -33.75 22.50
C SER A 23 -28.83 -33.77 21.23
N THR A 24 -28.23 -32.62 20.91
CA THR A 24 -27.27 -32.56 19.82
C THR A 24 -25.91 -32.15 20.35
N GLU A 25 -24.97 -33.08 20.31
CA GLU A 25 -23.59 -32.80 20.70
C GLU A 25 -22.76 -32.55 19.45
N ILE A 26 -22.28 -31.32 19.33
CA ILE A 26 -21.49 -30.92 18.18
C ILE A 26 -20.02 -31.05 18.56
N GLY A 27 -19.21 -31.58 17.67
CA GLY A 27 -17.79 -31.65 17.92
C GLY A 27 -17.03 -31.01 16.79
N ILE A 28 -15.97 -30.29 17.12
CA ILE A 28 -15.13 -29.71 16.10
C ILE A 28 -13.72 -30.26 16.23
N ILE A 29 -13.32 -31.03 15.24
CA ILE A 29 -12.01 -31.66 15.25
C ILE A 29 -11.09 -30.95 14.25
N ALA A 30 -10.00 -30.45 14.81
CA ALA A 30 -8.94 -29.76 14.11
C ALA A 30 -7.96 -30.74 13.51
N VAL A 31 -7.93 -30.86 12.18
CA VAL A 31 -7.04 -31.84 11.60
C VAL A 31 -5.83 -31.21 10.93
N GLY A 32 -6.02 -30.05 10.32
CA GLY A 32 -4.91 -29.43 9.63
C GLY A 32 -4.93 -27.92 9.57
N GLY A 33 -3.73 -27.34 9.60
CA GLY A 33 -3.59 -25.91 9.43
C GLY A 33 -3.87 -25.00 10.61
N TYR A 34 -3.90 -25.51 11.85
CA TYR A 34 -4.08 -24.54 12.92
C TYR A 34 -2.73 -24.31 13.59
N ASN A 35 -1.70 -25.00 13.12
CA ASN A 35 -0.34 -24.82 13.61
C ASN A 35 0.49 -24.10 12.55
N GLU A 36 -0.06 -24.06 11.34
CA GLU A 36 0.67 -23.67 10.16
C GLU A 36 -0.37 -22.96 9.31
N MET A 37 -0.01 -22.50 8.12
CA MET A 37 -1.07 -21.90 7.32
C MET A 37 -1.65 -22.87 6.30
N GLY A 38 -0.80 -23.57 5.57
CA GLY A 38 -1.27 -24.51 4.58
C GLY A 38 -1.79 -25.76 5.24
N ARG A 39 -2.17 -26.75 4.44
CA ARG A 39 -2.61 -28.05 4.95
C ARG A 39 -3.94 -28.04 5.71
N ASN A 40 -4.87 -27.16 5.35
CA ASN A 40 -6.12 -27.01 6.11
C ASN A 40 -7.07 -28.20 6.01
N MET A 41 -7.53 -28.70 7.16
CA MET A 41 -8.66 -29.62 7.20
C MET A 41 -9.36 -29.57 8.54
N THR A 42 -10.68 -29.41 8.48
CA THR A 42 -11.51 -29.37 9.69
C THR A 42 -12.61 -30.41 9.53
N ALA A 43 -13.03 -31.04 10.62
CA ALA A 43 -14.21 -31.89 10.55
C ALA A 43 -15.24 -31.52 11.61
N ILE A 44 -16.48 -31.34 11.17
CA ILE A 44 -17.60 -30.99 12.02
C ILE A 44 -18.48 -32.19 12.27
N ARG A 45 -18.50 -32.71 13.49
CA ARG A 45 -19.32 -33.87 13.76
C ARG A 45 -20.62 -33.42 14.44
N VAL A 46 -21.72 -33.72 13.77
CA VAL A 46 -23.05 -33.46 14.31
C VAL A 46 -23.60 -34.80 14.76
N ASN A 47 -23.60 -35.01 16.08
CA ASN A 47 -23.89 -36.32 16.67
C ASN A 47 -22.93 -37.34 16.08
N GLU A 48 -23.45 -38.20 15.20
CA GLU A 48 -22.65 -39.26 14.61
C GLU A 48 -22.29 -38.99 13.14
N ASP A 49 -22.87 -37.96 12.54
CA ASP A 49 -22.54 -37.64 11.15
C ASP A 49 -21.32 -36.71 11.10
N ILE A 50 -20.47 -36.88 10.09
CA ILE A 50 -19.27 -36.05 9.99
C ILE A 50 -19.33 -35.24 8.69
N ILE A 51 -19.09 -33.94 8.77
CA ILE A 51 -18.92 -33.14 7.57
C ILE A 51 -17.49 -32.59 7.56
N ILE A 52 -16.70 -33.01 6.59
CA ILE A 52 -15.33 -32.53 6.46
C ILE A 52 -15.27 -31.28 5.57
N ILE A 53 -14.58 -30.24 6.04
CA ILE A 53 -14.33 -29.06 5.23
C ILE A 53 -12.84 -28.84 4.99
N ASP A 54 -12.49 -28.74 3.71
CA ASP A 54 -11.14 -28.49 3.21
C ASP A 54 -10.14 -29.62 3.44
N MET A 55 -9.31 -29.86 2.42
CA MET A 55 -8.17 -30.76 2.51
C MET A 55 -7.04 -30.22 1.63
N GLY A 56 -6.15 -29.43 2.22
CA GLY A 56 -5.09 -28.77 1.46
C GLY A 56 -3.69 -29.33 1.61
N ILE A 57 -2.77 -28.97 0.71
CA ILE A 57 -1.37 -29.32 0.90
C ILE A 57 -0.67 -28.13 1.52
N ARG A 58 0.37 -28.39 2.29
CA ARG A 58 1.25 -27.33 2.72
C ARG A 58 2.41 -27.30 1.74
N LEU A 59 2.43 -26.26 0.93
CA LEU A 59 3.36 -26.16 -0.20
C LEU A 59 4.75 -25.64 0.15
N ASP A 60 4.96 -25.24 1.41
CA ASP A 60 6.27 -24.81 1.85
C ASP A 60 7.15 -25.98 2.31
N ARG A 61 6.71 -26.72 3.32
CA ARG A 61 7.56 -27.74 3.94
C ARG A 61 7.66 -29.01 3.10
N VAL A 62 7.25 -28.93 1.84
CA VAL A 62 7.51 -29.97 0.85
C VAL A 62 8.79 -29.62 0.12
N GLN A 63 9.09 -28.31 0.05
CA GLN A 63 10.26 -27.81 -0.67
C GLN A 63 11.54 -27.97 0.14
N ILE A 64 11.39 -28.24 1.44
CA ILE A 64 12.53 -28.47 2.32
C ILE A 64 13.29 -29.73 1.88
N HIS A 65 12.59 -30.68 1.29
CA HIS A 65 13.22 -31.91 0.81
C HIS A 65 13.57 -31.88 -0.68
N GLU A 66 14.58 -32.67 -1.01
CA GLU A 66 15.25 -32.68 -2.31
C GLU A 66 14.45 -33.37 -3.40
N ASP A 67 13.62 -32.62 -4.13
CA ASP A 67 12.78 -33.17 -5.20
C ASP A 67 11.91 -34.33 -4.70
N VAL A 68 10.67 -34.03 -4.35
CA VAL A 68 9.81 -35.04 -3.77
C VAL A 68 8.94 -35.66 -4.87
N ASP A 69 8.38 -34.82 -5.75
CA ASP A 69 7.45 -35.25 -6.78
C ASP A 69 6.26 -35.90 -6.05
N THR A 70 5.33 -35.06 -5.61
CA THR A 70 4.22 -35.48 -4.74
C THR A 70 3.34 -36.63 -5.23
N ASP A 71 3.45 -36.99 -6.50
CA ASP A 71 2.58 -38.04 -7.03
C ASP A 71 3.27 -39.39 -6.93
N ARG A 72 4.55 -39.37 -6.53
CA ARG A 72 5.35 -40.57 -6.35
C ARG A 72 5.13 -41.14 -4.96
N MET A 73 4.70 -40.26 -4.07
CA MET A 73 4.45 -40.57 -2.66
C MET A 73 2.98 -40.86 -2.43
N HIS A 74 2.65 -41.77 -1.52
CA HIS A 74 1.25 -41.93 -1.10
C HIS A 74 1.03 -41.17 0.20
N SER A 75 -0.23 -41.08 0.64
CA SER A 75 -0.65 -40.17 1.70
C SER A 75 0.25 -40.15 2.91
N LEU A 76 0.55 -41.33 3.45
CA LEU A 76 1.27 -41.44 4.71
C LEU A 76 2.63 -40.73 4.64
N GLU A 77 3.31 -40.82 3.48
CA GLU A 77 4.64 -40.25 3.28
C GLU A 77 4.57 -38.79 3.69
N LEU A 78 3.64 -38.15 2.99
CA LEU A 78 3.32 -36.76 3.10
C LEU A 78 2.75 -36.39 4.47
N ILE A 79 2.10 -37.30 5.18
CA ILE A 79 1.71 -36.96 6.54
C ILE A 79 2.96 -36.83 7.41
N GLU A 80 3.93 -37.73 7.27
CA GLU A 80 5.14 -37.51 8.07
C GLU A 80 5.96 -36.33 7.55
N MET A 81 5.65 -35.83 6.35
CA MET A 81 6.12 -34.49 6.01
C MET A 81 5.08 -33.43 6.40
N GLY A 82 3.85 -33.59 5.93
CA GLY A 82 2.76 -32.65 6.17
C GLY A 82 3.14 -31.23 5.75
N ALA A 83 3.03 -30.82 4.48
CA ALA A 83 2.37 -31.48 3.33
C ALA A 83 0.86 -31.66 3.50
N ILE A 84 0.40 -32.88 3.70
CA ILE A 84 -1.05 -33.10 3.78
C ILE A 84 -1.47 -33.39 5.22
N PRO A 85 -2.70 -33.00 5.58
CA PRO A 85 -3.14 -33.12 6.98
C PRO A 85 -3.21 -34.55 7.50
N ASP A 86 -2.80 -34.74 8.74
CA ASP A 86 -2.79 -36.06 9.36
C ASP A 86 -4.21 -36.44 9.79
N ASP A 87 -4.92 -37.15 8.91
CA ASP A 87 -6.28 -37.55 9.20
C ASP A 87 -6.38 -38.92 9.87
N THR A 88 -5.24 -39.48 10.26
CA THR A 88 -5.24 -40.77 10.96
C THR A 88 -6.03 -40.63 12.26
N ILE A 89 -6.00 -39.42 12.81
CA ILE A 89 -6.68 -39.10 14.06
C ILE A 89 -8.19 -39.23 13.91
N MET A 90 -8.66 -39.34 12.67
CA MET A 90 -10.08 -39.53 12.41
C MET A 90 -10.52 -40.97 12.63
N ASN A 91 -9.56 -41.83 13.00
CA ASN A 91 -9.87 -43.21 13.35
C ASN A 91 -10.33 -43.30 14.80
N GLU A 92 -10.11 -42.22 15.56
CA GLU A 92 -10.45 -42.19 16.98
C GLU A 92 -11.79 -41.52 17.27
N VAL A 93 -12.37 -40.89 16.25
CA VAL A 93 -13.63 -40.16 16.44
C VAL A 93 -14.83 -41.08 16.19
N ASN A 94 -15.91 -40.82 16.91
CA ASN A 94 -17.11 -41.65 16.87
C ASN A 94 -18.14 -41.13 15.87
N GLY A 95 -17.92 -41.43 14.60
CA GLY A 95 -18.87 -41.10 13.57
C GLY A 95 -18.41 -41.48 12.18
N ASN A 96 -19.30 -41.36 11.21
CA ASN A 96 -18.95 -41.63 9.82
C ASN A 96 -19.18 -40.39 8.97
N VAL A 97 -18.23 -40.12 8.09
CA VAL A 97 -18.29 -38.93 7.26
C VAL A 97 -19.29 -39.09 6.11
N ARG A 98 -20.10 -38.05 5.92
CA ARG A 98 -21.11 -37.97 4.86
C ARG A 98 -20.81 -36.96 3.78
N ALA A 99 -19.69 -36.26 3.89
CA ALA A 99 -19.35 -35.24 2.91
C ALA A 99 -17.93 -34.72 3.06
N ILE A 100 -17.43 -34.14 1.98
CA ILE A 100 -16.17 -33.43 2.01
C ILE A 100 -16.44 -32.11 1.30
N VAL A 101 -16.62 -31.05 2.07
CA VAL A 101 -16.96 -29.74 1.51
C VAL A 101 -15.68 -28.95 1.25
N CYS A 102 -15.68 -28.12 0.22
CA CYS A 102 -14.53 -27.26 -0.06
C CYS A 102 -14.89 -25.81 -0.30
N THR A 103 -14.21 -24.95 0.46
CA THR A 103 -14.45 -23.51 0.45
C THR A 103 -14.13 -22.84 -0.88
N HIS A 104 -12.99 -23.21 -1.48
CA HIS A 104 -12.57 -22.67 -2.77
C HIS A 104 -11.34 -23.42 -3.29
N GLY A 105 -10.87 -23.04 -4.48
CA GLY A 105 -9.87 -23.83 -5.18
C GLY A 105 -8.39 -23.53 -5.00
N HIS A 106 -8.03 -22.95 -3.86
CA HIS A 106 -6.63 -22.83 -3.51
C HIS A 106 -6.08 -24.16 -3.02
N LEU A 107 -4.77 -24.34 -3.19
CA LEU A 107 -4.15 -25.60 -2.85
C LEU A 107 -4.10 -25.82 -1.34
N ASP A 108 -4.22 -24.74 -0.57
CA ASP A 108 -4.25 -24.86 0.88
C ASP A 108 -5.64 -25.30 1.34
N HIS A 109 -6.54 -25.53 0.39
CA HIS A 109 -7.90 -25.96 0.71
C HIS A 109 -8.38 -27.22 -0.03
N ILE A 110 -7.97 -27.39 -1.29
CA ILE A 110 -8.44 -28.55 -2.06
C ILE A 110 -7.28 -29.43 -2.53
N GLY A 111 -6.07 -29.05 -2.17
CA GLY A 111 -4.90 -29.75 -2.66
C GLY A 111 -4.66 -31.18 -2.22
N ALA A 112 -5.21 -31.56 -1.07
CA ALA A 112 -4.94 -32.87 -0.49
C ALA A 112 -6.00 -33.89 -0.90
N ILE A 113 -7.05 -33.41 -1.58
CA ILE A 113 -8.16 -34.25 -1.97
C ILE A 113 -7.76 -35.50 -2.76
N PRO A 114 -6.97 -35.34 -3.84
CA PRO A 114 -6.69 -36.56 -4.62
C PRO A 114 -5.80 -37.55 -3.88
N LYS A 115 -5.46 -37.24 -2.62
CA LYS A 115 -4.46 -38.03 -1.94
C LYS A 115 -5.06 -38.63 -0.67
N LEU A 116 -6.15 -38.04 -0.20
CA LEU A 116 -6.79 -38.47 1.05
C LEU A 116 -8.29 -38.76 0.91
N ALA A 117 -8.95 -38.09 -0.03
CA ALA A 117 -10.40 -38.21 -0.17
C ALA A 117 -10.83 -39.62 -0.57
N HIS A 118 -9.89 -40.40 -1.09
CA HIS A 118 -10.19 -41.74 -1.55
C HIS A 118 -10.37 -42.70 -0.37
N ARG A 119 -9.89 -42.29 0.79
CA ARG A 119 -9.99 -43.15 1.98
C ARG A 119 -11.37 -43.01 2.62
N TYR A 120 -12.15 -42.07 2.10
CA TYR A 120 -13.47 -41.77 2.67
C TYR A 120 -14.60 -42.10 1.71
N ALA A 121 -15.59 -42.84 2.19
CA ALA A 121 -16.77 -43.16 1.38
C ALA A 121 -17.75 -41.99 1.40
N ALA A 122 -17.35 -40.88 0.80
CA ALA A 122 -18.14 -39.66 0.87
C ALA A 122 -17.97 -38.78 -0.36
N PRO A 123 -19.03 -38.05 -0.73
CA PRO A 123 -19.00 -37.10 -1.86
C PRO A 123 -18.24 -35.82 -1.56
N ILE A 124 -17.71 -35.20 -2.61
CA ILE A 124 -16.98 -33.94 -2.47
C ILE A 124 -17.84 -32.80 -2.98
N ILE A 125 -18.29 -31.93 -2.08
CA ILE A 125 -19.17 -30.85 -2.47
C ILE A 125 -18.37 -29.56 -2.61
N ALA A 126 -18.59 -28.85 -3.71
CA ALA A 126 -17.91 -27.58 -3.90
C ALA A 126 -18.68 -26.70 -4.86
N THR A 127 -18.24 -25.45 -4.99
CA THR A 127 -18.83 -24.53 -5.93
C THR A 127 -18.15 -24.79 -7.29
N PRO A 128 -18.91 -24.68 -8.40
CA PRO A 128 -18.52 -25.11 -9.75
C PRO A 128 -17.06 -24.97 -10.15
N TYR A 129 -16.46 -23.79 -9.95
CA TYR A 129 -15.09 -23.57 -10.39
C TYR A 129 -14.16 -24.52 -9.63
N THR A 130 -14.39 -24.63 -8.33
CA THR A 130 -13.68 -25.62 -7.52
C THR A 130 -13.91 -27.05 -7.97
N THR A 131 -15.16 -27.45 -8.18
CA THR A 131 -15.43 -28.82 -8.58
C THR A 131 -14.65 -29.16 -9.84
N ALA A 132 -14.69 -28.24 -10.79
CA ALA A 132 -13.96 -28.40 -12.05
C ALA A 132 -12.46 -28.58 -11.79
N LEU A 133 -11.89 -27.72 -10.97
CA LEU A 133 -10.44 -27.72 -10.79
C LEU A 133 -10.01 -28.97 -9.98
N ILE A 134 -10.85 -29.39 -9.05
CA ILE A 134 -10.67 -30.63 -8.30
C ILE A 134 -10.61 -31.81 -9.26
N LYS A 135 -11.60 -31.86 -10.14
CA LYS A 135 -11.71 -32.96 -11.10
C LYS A 135 -10.49 -32.96 -12.01
N HIS A 136 -10.00 -31.77 -12.33
CA HIS A 136 -8.79 -31.66 -13.14
C HIS A 136 -7.56 -32.15 -12.39
N GLN A 137 -7.55 -31.97 -11.07
CA GLN A 137 -6.40 -32.39 -10.27
C GLN A 137 -6.38 -33.90 -10.06
N ILE A 138 -7.55 -34.50 -9.87
CA ILE A 138 -7.67 -35.95 -9.73
C ILE A 138 -7.25 -36.64 -11.01
N ASP A 139 -7.45 -35.99 -12.15
CA ASP A 139 -6.94 -36.52 -13.41
C ASP A 139 -5.41 -36.43 -13.44
N SER A 140 -4.80 -36.97 -12.39
CA SER A 140 -3.36 -36.96 -12.14
C SER A 140 -3.11 -37.74 -10.84
N GLU A 141 -4.20 -38.11 -10.16
CA GLU A 141 -4.10 -38.93 -8.96
C GLU A 141 -3.74 -40.37 -9.32
N ARG A 142 -4.34 -40.85 -10.41
CA ARG A 142 -4.02 -42.14 -11.05
C ARG A 142 -5.10 -42.46 -12.08
N LYS A 143 -5.34 -43.75 -12.31
CA LYS A 143 -6.33 -44.21 -13.26
C LYS A 143 -7.73 -43.75 -12.85
N PHE A 144 -7.99 -43.79 -11.55
CA PHE A 144 -9.24 -43.30 -11.00
C PHE A 144 -9.01 -42.82 -9.57
N GLY A 145 -8.93 -43.76 -8.63
CA GLY A 145 -8.65 -43.45 -7.24
C GLY A 145 -9.50 -44.36 -6.38
N VAL A 146 -10.76 -43.97 -6.22
CA VAL A 146 -11.77 -44.88 -5.72
C VAL A 146 -12.97 -44.89 -6.70
N LYS A 147 -13.62 -43.77 -7.04
CA LYS A 147 -13.55 -42.42 -6.47
C LYS A 147 -14.82 -41.97 -5.78
N ASN A 148 -14.68 -40.87 -5.05
CA ASN A 148 -15.80 -40.12 -4.52
C ASN A 148 -16.54 -39.48 -5.69
N ASN A 149 -17.84 -39.29 -5.56
CA ASN A 149 -18.56 -38.53 -6.56
C ASN A 149 -18.47 -37.03 -6.24
N ILE A 150 -18.14 -36.24 -7.25
CA ILE A 150 -17.92 -34.80 -7.09
C ILE A 150 -19.14 -33.96 -7.48
N VAL A 151 -19.65 -33.21 -6.52
CA VAL A 151 -20.90 -32.47 -6.66
C VAL A 151 -20.68 -30.96 -6.67
N ALA A 152 -21.32 -30.28 -7.61
CA ALA A 152 -21.21 -28.83 -7.74
C ALA A 152 -22.41 -28.11 -7.13
N LEU A 153 -22.17 -27.36 -6.07
CA LEU A 153 -23.18 -26.57 -5.41
C LEU A 153 -22.83 -25.09 -5.45
N LYS A 154 -23.71 -24.24 -6.00
CA LYS A 154 -23.39 -22.82 -6.08
C LYS A 154 -23.74 -22.05 -4.81
N ALA A 155 -23.27 -20.82 -4.75
CA ALA A 155 -23.54 -19.93 -3.64
C ALA A 155 -25.01 -19.54 -3.58
N GLY A 156 -25.57 -19.56 -2.38
CA GLY A 156 -26.96 -19.17 -2.18
C GLY A 156 -27.87 -20.36 -2.13
N GLU A 157 -27.36 -21.51 -2.56
CA GLU A 157 -28.15 -22.73 -2.60
C GLU A 157 -27.79 -23.64 -1.43
N THR A 158 -28.70 -24.56 -1.12
CA THR A 158 -28.55 -25.42 0.04
C THR A 158 -28.74 -26.88 -0.34
N LEU A 159 -28.02 -27.76 0.33
CA LEU A 159 -28.07 -29.18 0.02
C LEU A 159 -28.19 -29.95 1.31
N GLU A 160 -29.29 -30.68 1.43
CA GLU A 160 -29.50 -31.53 2.56
C GLU A 160 -28.68 -32.80 2.34
N ILE A 161 -27.98 -33.20 3.40
CA ILE A 161 -27.00 -34.28 3.41
C ILE A 161 -27.56 -35.43 4.28
N THR A 162 -28.33 -35.07 5.32
CA THR A 162 -29.10 -36.05 6.08
C THR A 162 -30.42 -35.35 6.38
N LYS A 163 -31.40 -36.05 6.94
CA LYS A 163 -32.64 -35.41 7.42
C LYS A 163 -32.52 -33.98 7.98
N ASP A 164 -31.81 -33.86 9.09
CA ASP A 164 -31.70 -32.59 9.80
C ASP A 164 -30.42 -31.80 9.55
N ILE A 165 -29.35 -32.47 9.12
CA ILE A 165 -28.13 -31.76 8.77
C ILE A 165 -28.22 -31.29 7.32
N THR A 166 -28.13 -29.98 7.08
CA THR A 166 -28.11 -29.46 5.72
C THR A 166 -27.01 -28.41 5.55
N ILE A 167 -26.29 -28.46 4.43
CA ILE A 167 -25.14 -27.58 4.23
C ILE A 167 -25.45 -26.49 3.20
N GLU A 168 -25.18 -25.24 3.58
CA GLU A 168 -25.46 -24.06 2.77
C GLU A 168 -24.19 -23.38 2.28
N PHE A 169 -24.27 -22.82 1.07
CA PHE A 169 -23.19 -22.03 0.51
C PHE A 169 -23.56 -20.54 0.46
N ILE A 170 -22.72 -19.69 1.06
CA ILE A 170 -22.96 -18.25 1.09
C ILE A 170 -21.84 -17.47 0.39
N ASN A 171 -22.19 -16.65 -0.59
CA ASN A 171 -21.17 -16.00 -1.43
C ASN A 171 -20.23 -15.05 -0.68
N THR A 172 -18.95 -15.10 -1.01
CA THR A 172 -17.99 -14.12 -0.51
C THR A 172 -16.86 -13.89 -1.53
N GLN A 173 -15.95 -12.98 -1.23
CA GLN A 173 -14.78 -12.76 -2.09
C GLN A 173 -13.51 -13.21 -1.40
N HIS A 174 -12.52 -13.48 -2.23
CA HIS A 174 -11.24 -13.99 -1.80
C HIS A 174 -10.37 -13.90 -3.05
N SER A 175 -9.07 -14.14 -2.91
CA SER A 175 -8.17 -14.04 -4.05
C SER A 175 -8.49 -15.05 -5.17
N ILE A 176 -9.53 -15.85 -4.99
CA ILE A 176 -10.05 -16.74 -6.04
C ILE A 176 -11.52 -16.47 -6.28
N ILE A 177 -11.95 -16.61 -7.53
CA ILE A 177 -13.32 -16.39 -7.89
C ILE A 177 -14.16 -17.54 -7.34
N ASP A 178 -15.41 -17.24 -7.00
CA ASP A 178 -16.35 -18.24 -6.52
C ASP A 178 -15.80 -18.85 -5.24
N THR A 179 -15.89 -18.10 -4.16
CA THR A 179 -15.40 -18.52 -2.85
C THR A 179 -16.56 -18.34 -1.86
N VAL A 180 -16.66 -19.22 -0.88
CA VAL A 180 -17.91 -19.35 -0.18
C VAL A 180 -17.79 -19.65 1.32
N PHE A 181 -18.66 -19.01 2.11
CA PHE A 181 -18.92 -19.42 3.49
C PHE A 181 -19.68 -20.72 3.47
N VAL A 182 -19.38 -21.63 4.39
CA VAL A 182 -20.19 -22.83 4.47
C VAL A 182 -20.96 -22.82 5.79
N ALA A 183 -22.27 -23.04 5.71
CA ALA A 183 -23.10 -23.03 6.90
C ALA A 183 -23.76 -24.39 7.12
N ILE A 184 -23.36 -25.08 8.17
CA ILE A 184 -23.88 -26.41 8.45
C ILE A 184 -25.05 -26.31 9.43
N HIS A 185 -26.26 -26.32 8.90
CA HIS A 185 -27.46 -26.26 9.74
C HIS A 185 -27.76 -27.62 10.38
N THR A 186 -27.98 -27.55 11.69
CA THR A 186 -28.25 -28.69 12.54
C THR A 186 -29.49 -28.41 13.40
N PRO A 187 -30.07 -29.44 14.01
CA PRO A 187 -31.25 -29.27 14.89
C PRO A 187 -31.10 -28.18 15.96
N SER A 188 -29.88 -27.88 16.38
CA SER A 188 -29.66 -26.89 17.43
C SER A 188 -29.06 -25.58 16.91
N GLY A 189 -28.91 -25.47 15.60
CA GLY A 189 -28.42 -24.23 15.02
C GLY A 189 -27.40 -24.44 13.92
N ALA A 190 -26.86 -23.34 13.40
CA ALA A 190 -25.92 -23.41 12.29
C ALA A 190 -24.48 -23.34 12.78
N VAL A 191 -23.61 -24.09 12.13
CA VAL A 191 -22.18 -24.00 12.40
C VAL A 191 -21.54 -23.48 11.13
N VAL A 192 -21.06 -22.24 11.15
CA VAL A 192 -20.54 -21.66 9.91
C VAL A 192 -19.03 -21.62 9.97
N TYR A 193 -18.42 -22.09 8.89
CA TYR A 193 -16.98 -22.02 8.71
C TYR A 193 -16.65 -21.18 7.49
N ALA A 194 -15.78 -20.22 7.79
CA ALA A 194 -15.41 -19.12 6.91
C ALA A 194 -13.90 -18.92 6.88
N CYS A 195 -13.16 -19.94 6.44
CA CYS A 195 -11.73 -19.75 6.26
C CYS A 195 -11.48 -19.28 4.84
N ASP A 196 -10.56 -18.34 4.71
CA ASP A 196 -10.30 -17.61 3.48
C ASP A 196 -11.54 -16.85 3.01
N PHE A 197 -11.68 -15.63 3.51
CA PHE A 197 -12.60 -14.63 2.97
C PHE A 197 -12.00 -13.24 2.90
N LYS A 198 -12.89 -12.31 2.56
CA LYS A 198 -12.58 -10.90 2.44
C LYS A 198 -13.88 -10.15 2.16
N PHE A 199 -14.15 -9.09 2.93
CA PHE A 199 -15.33 -8.28 2.69
C PHE A 199 -15.08 -7.21 1.65
N ASP A 200 -14.99 -7.63 0.39
CA ASP A 200 -14.80 -6.68 -0.70
C ASP A 200 -16.14 -6.15 -1.17
N ARG A 201 -16.38 -4.88 -0.86
CA ARG A 201 -17.65 -4.21 -1.12
C ARG A 201 -17.73 -3.63 -2.53
N THR A 202 -16.59 -3.61 -3.22
CA THR A 202 -16.50 -3.16 -4.61
C THR A 202 -15.57 -4.07 -5.41
N PRO A 203 -15.97 -5.34 -5.61
CA PRO A 203 -15.09 -6.31 -6.26
C PRO A 203 -14.94 -6.11 -7.76
N THR A 204 -13.92 -6.73 -8.34
CA THR A 204 -13.73 -6.73 -9.79
C THR A 204 -14.57 -7.82 -10.42
N LEU A 205 -14.72 -8.93 -9.70
CA LEU A 205 -15.51 -10.06 -10.19
C LEU A 205 -16.42 -10.61 -9.11
N GLY A 206 -17.45 -11.34 -9.54
CA GLY A 206 -18.43 -11.88 -8.62
C GLY A 206 -19.31 -10.78 -8.06
N GLU A 207 -20.17 -11.15 -7.13
CA GLU A 207 -21.09 -10.20 -6.52
C GLU A 207 -20.65 -9.96 -5.08
N VAL A 208 -21.09 -8.83 -4.51
CA VAL A 208 -20.70 -8.46 -3.15
C VAL A 208 -21.22 -9.51 -2.17
N PRO A 209 -20.46 -9.77 -1.09
CA PRO A 209 -20.77 -10.81 -0.11
C PRO A 209 -22.20 -10.69 0.41
N ASP A 210 -22.82 -11.81 0.73
CA ASP A 210 -24.23 -11.80 1.08
C ASP A 210 -24.44 -11.31 2.51
N PHE A 211 -24.31 -10.00 2.74
CA PHE A 211 -24.39 -9.46 4.10
C PHE A 211 -25.71 -9.76 4.79
N ASP A 212 -26.81 -9.46 4.09
CA ASP A 212 -28.15 -9.65 4.64
C ASP A 212 -28.32 -11.07 5.15
N ARG A 213 -27.81 -12.03 4.38
CA ARG A 213 -27.85 -13.43 4.79
C ARG A 213 -27.01 -13.65 6.06
N LEU A 214 -25.88 -12.96 6.18
CA LEU A 214 -25.07 -13.10 7.40
C LEU A 214 -25.77 -12.55 8.65
N LYS A 215 -26.45 -11.42 8.51
CA LYS A 215 -27.17 -10.86 9.65
C LYS A 215 -28.36 -11.76 10.02
N GLU A 216 -29.12 -12.13 9.00
CA GLU A 216 -30.28 -12.99 9.14
C GLU A 216 -29.93 -14.32 9.82
N LEU A 217 -28.94 -15.00 9.25
CA LEU A 217 -28.48 -16.29 9.75
C LEU A 217 -27.87 -16.08 11.13
N GLY A 218 -27.37 -14.88 11.35
CA GLY A 218 -26.90 -14.50 12.68
C GLY A 218 -28.05 -14.56 13.67
N LYS A 219 -29.21 -14.07 13.25
CA LYS A 219 -30.39 -14.08 14.11
C LYS A 219 -31.03 -15.47 14.22
N GLU A 220 -30.76 -16.35 13.26
CA GLU A 220 -31.30 -17.70 13.32
C GLU A 220 -30.65 -18.53 14.42
N GLY A 221 -29.36 -18.34 14.64
CA GLY A 221 -28.65 -19.07 15.68
C GLY A 221 -27.41 -19.81 15.24
N VAL A 222 -26.24 -19.25 15.55
CA VAL A 222 -24.97 -19.88 15.24
C VAL A 222 -24.33 -20.44 16.49
N ILE A 223 -24.09 -21.75 16.50
CA ILE A 223 -23.53 -22.41 17.66
C ILE A 223 -22.03 -22.13 17.72
N ALA A 224 -21.37 -22.20 16.57
CA ALA A 224 -19.92 -22.03 16.50
C ALA A 224 -19.50 -21.32 15.21
N LEU A 225 -18.44 -20.52 15.29
CA LEU A 225 -17.84 -19.91 14.11
C LEU A 225 -16.38 -20.33 14.00
N ILE A 226 -16.04 -20.92 12.86
CA ILE A 226 -14.67 -21.32 12.57
C ILE A 226 -14.16 -20.44 11.45
N THR A 227 -13.14 -19.64 11.73
CA THR A 227 -12.71 -18.63 10.77
C THR A 227 -11.21 -18.39 10.77
N GLU A 228 -10.72 -17.87 9.65
CA GLU A 228 -9.29 -17.66 9.44
C GLU A 228 -8.77 -16.56 10.35
N SER A 229 -7.52 -16.66 10.77
CA SER A 229 -6.91 -15.62 11.59
C SER A 229 -5.68 -15.04 10.89
N THR A 230 -5.60 -15.30 9.59
CA THR A 230 -4.45 -14.92 8.77
C THR A 230 -3.99 -13.47 8.97
N ASN A 231 -4.94 -12.55 8.88
CA ASN A 231 -4.62 -11.14 8.92
C ASN A 231 -5.38 -10.43 10.03
N ALA A 232 -5.68 -11.16 11.10
CA ALA A 232 -6.49 -10.62 12.19
C ALA A 232 -5.66 -9.62 12.98
N GLY A 233 -4.36 -9.79 12.97
CA GLY A 233 -3.46 -8.87 13.62
C GLY A 233 -3.34 -7.55 12.88
N ARG A 234 -3.58 -7.60 11.58
CA ARG A 234 -3.52 -6.38 10.76
C ARG A 234 -4.67 -5.46 11.09
N ASN A 235 -4.34 -4.18 11.24
CA ASN A 235 -5.29 -3.19 11.72
C ASN A 235 -6.23 -2.75 10.60
N GLY A 236 -7.44 -2.35 10.97
CA GLY A 236 -8.36 -1.81 10.01
C GLY A 236 -9.15 -2.80 9.18
N LYS A 237 -9.48 -2.37 7.98
CA LYS A 237 -10.29 -3.14 7.04
C LYS A 237 -9.53 -3.43 5.74
N THR A 238 -9.72 -4.63 5.21
CA THR A 238 -9.00 -5.06 4.01
C THR A 238 -9.31 -4.19 2.79
N PRO A 239 -8.26 -3.70 2.12
CA PRO A 239 -8.43 -2.96 0.87
C PRO A 239 -9.15 -3.77 -0.20
N SER A 240 -10.03 -3.12 -0.96
CA SER A 240 -10.76 -3.79 -2.02
C SER A 240 -9.82 -4.25 -3.13
N GLU A 241 -10.25 -5.23 -3.92
CA GLU A 241 -9.49 -5.66 -5.08
C GLU A 241 -9.40 -4.51 -6.07
N LEU A 242 -10.38 -3.62 -6.00
CA LEU A 242 -10.43 -2.42 -6.83
C LEU A 242 -9.16 -1.58 -6.67
N ILE A 243 -8.59 -1.60 -5.46
CA ILE A 243 -7.34 -0.89 -5.20
C ILE A 243 -6.20 -1.49 -6.00
N ALA A 244 -6.09 -2.82 -5.99
CA ALA A 244 -5.07 -3.51 -6.77
C ALA A 244 -5.26 -3.22 -8.25
N HIS A 245 -6.52 -3.21 -8.68
CA HIS A 245 -6.89 -2.88 -10.05
C HIS A 245 -6.35 -1.50 -10.43
N MET A 246 -6.62 -0.52 -9.57
CA MET A 246 -6.22 0.86 -9.82
C MET A 246 -4.70 1.05 -9.81
N MET A 247 -4.01 0.37 -8.90
CA MET A 247 -2.55 0.46 -8.84
C MET A 247 -1.93 -0.16 -10.08
N LEU A 248 -2.45 -1.32 -10.50
CA LEU A 248 -1.98 -1.99 -11.70
C LEU A 248 -2.24 -1.15 -12.94
N LYS A 249 -3.42 -0.54 -13.00
CA LYS A 249 -3.74 0.43 -14.04
C LYS A 249 -2.70 1.54 -14.09
N ASP A 250 -2.39 2.06 -12.91
CA ASP A 250 -1.43 3.15 -12.78
C ASP A 250 -0.03 2.74 -13.27
N VAL A 251 0.38 1.50 -12.99
CA VAL A 251 1.75 1.10 -13.30
C VAL A 251 1.87 0.72 -14.76
N LEU A 252 0.84 0.08 -15.30
CA LEU A 252 0.84 -0.34 -16.70
C LEU A 252 0.67 0.84 -17.65
N LEU A 253 -0.29 1.71 -17.35
CA LEU A 253 -0.61 2.80 -18.28
C LEU A 253 0.15 4.08 -17.97
N GLY A 254 0.22 4.42 -16.68
CA GLY A 254 0.89 5.64 -16.26
C GLY A 254 2.39 5.51 -16.30
N THR A 255 2.95 5.57 -17.52
CA THR A 255 4.38 5.45 -17.70
C THR A 255 4.82 6.33 -18.87
N GLU A 256 5.96 6.99 -18.70
CA GLU A 256 6.50 7.85 -19.74
C GLU A 256 7.58 7.14 -20.53
N GLU A 257 7.64 5.83 -20.36
CA GLU A 257 8.51 5.00 -21.17
C GLU A 257 7.65 3.88 -21.75
N SER A 258 6.89 4.23 -22.79
CA SER A 258 5.77 3.42 -23.25
C SER A 258 6.22 2.13 -23.92
N ALA A 259 7.22 2.23 -24.80
CA ALA A 259 7.65 1.08 -25.59
C ALA A 259 8.91 0.46 -25.01
N VAL A 260 8.78 -0.19 -23.87
CA VAL A 260 9.92 -0.76 -23.16
C VAL A 260 9.98 -2.27 -23.26
N GLY A 261 8.85 -2.91 -22.98
CA GLY A 261 8.82 -4.35 -22.80
C GLY A 261 8.48 -4.66 -21.36
N MET A 262 7.25 -5.10 -21.12
CA MET A 262 6.77 -5.27 -19.77
C MET A 262 6.22 -6.68 -19.57
N ILE A 263 6.66 -7.32 -18.50
CA ILE A 263 6.17 -8.64 -18.14
C ILE A 263 5.36 -8.52 -16.88
N VAL A 264 4.17 -9.11 -16.86
CA VAL A 264 3.38 -9.08 -15.63
C VAL A 264 3.28 -10.49 -15.09
N THR A 265 3.59 -10.66 -13.81
CA THR A 265 3.49 -11.96 -13.17
C THR A 265 2.56 -11.90 -11.97
N THR A 266 1.74 -12.94 -11.81
CA THR A 266 0.78 -12.98 -10.72
C THR A 266 0.34 -14.40 -10.42
N PHE A 267 -0.54 -14.56 -9.42
CA PHE A 267 -1.11 -15.87 -9.14
C PHE A 267 -1.94 -16.31 -10.34
N ALA A 268 -1.65 -17.51 -10.84
CA ALA A 268 -2.40 -18.02 -11.99
C ALA A 268 -3.86 -18.20 -11.60
N SER A 269 -4.07 -18.38 -10.30
CA SER A 269 -5.38 -18.65 -9.72
C SER A 269 -6.26 -17.42 -9.48
N HIS A 270 -5.70 -16.22 -9.50
CA HIS A 270 -6.42 -15.04 -9.01
C HIS A 270 -7.61 -14.65 -9.89
N ILE A 271 -7.46 -14.84 -11.18
CA ILE A 271 -8.52 -14.67 -12.17
C ILE A 271 -9.10 -13.26 -12.27
N ALA A 272 -9.42 -12.65 -11.13
CA ALA A 272 -9.96 -11.29 -11.12
C ALA A 272 -8.91 -10.34 -11.67
N ARG A 273 -7.71 -10.52 -11.14
CA ARG A 273 -6.58 -9.69 -11.51
C ARG A 273 -6.15 -9.95 -12.94
N VAL A 274 -6.14 -11.22 -13.35
CA VAL A 274 -5.73 -11.56 -14.71
C VAL A 274 -6.71 -10.92 -15.68
N ASN A 275 -7.98 -10.90 -15.30
CA ASN A 275 -9.02 -10.24 -16.08
C ASN A 275 -8.73 -8.75 -16.17
N SER A 276 -8.39 -8.14 -15.04
CA SER A 276 -7.97 -6.74 -15.02
C SER A 276 -6.81 -6.48 -15.98
N ILE A 277 -5.83 -7.37 -15.95
CA ILE A 277 -4.62 -7.25 -16.74
C ILE A 277 -4.91 -7.33 -18.23
N VAL A 278 -5.73 -8.30 -18.66
CA VAL A 278 -6.02 -8.42 -20.08
C VAL A 278 -6.90 -7.25 -20.54
N GLN A 279 -7.78 -6.79 -19.65
CA GLN A 279 -8.54 -5.57 -19.90
C GLN A 279 -7.60 -4.41 -20.17
N PHE A 280 -6.55 -4.33 -19.37
CA PHE A 280 -5.58 -3.25 -19.46
C PHE A 280 -4.83 -3.37 -20.77
N ALA A 281 -4.41 -4.57 -21.11
CA ALA A 281 -3.73 -4.84 -22.38
C ALA A 281 -4.58 -4.36 -23.53
N GLN A 282 -5.90 -4.57 -23.43
CA GLN A 282 -6.80 -4.10 -24.47
C GLN A 282 -6.89 -2.57 -24.43
N GLU A 283 -6.70 -1.99 -23.26
CA GLU A 283 -6.80 -0.53 -23.14
C GLU A 283 -5.46 0.16 -23.47
N MET A 284 -4.35 -0.57 -23.32
CA MET A 284 -3.04 0.04 -23.56
C MET A 284 -2.49 -0.41 -24.92
N GLY A 285 -3.34 -1.06 -25.69
CA GLY A 285 -3.02 -1.45 -27.06
C GLY A 285 -1.92 -2.49 -27.19
N ARG A 286 -1.82 -3.38 -26.21
CA ARG A 286 -0.95 -4.54 -26.34
C ARG A 286 -1.77 -5.83 -26.41
N ILE A 287 -1.16 -6.86 -26.98
CA ILE A 287 -1.78 -8.17 -27.08
C ILE A 287 -1.35 -9.07 -25.91
N PRO A 288 -2.33 -9.49 -25.10
CA PRO A 288 -2.16 -10.31 -23.88
C PRO A 288 -1.84 -11.76 -24.18
N VAL A 289 -0.66 -12.22 -23.75
CA VAL A 289 -0.32 -13.62 -23.91
C VAL A 289 -0.08 -14.21 -22.52
N LEU A 290 -0.71 -15.36 -22.27
CA LEU A 290 -0.70 -15.99 -20.95
C LEU A 290 0.17 -17.24 -21.02
N LEU A 291 1.16 -17.35 -20.14
CA LEU A 291 2.11 -18.45 -20.23
C LEU A 291 2.14 -19.34 -18.99
N GLY A 292 2.35 -20.64 -19.19
CA GLY A 292 2.41 -21.58 -18.08
C GLY A 292 1.25 -22.54 -17.93
N ARG A 293 1.55 -23.76 -17.46
CA ARG A 293 0.52 -24.78 -17.22
C ARG A 293 -0.49 -24.26 -16.22
N SER A 294 0.04 -23.60 -15.20
CA SER A 294 -0.74 -23.02 -14.13
C SER A 294 -1.80 -22.06 -14.67
N MET A 295 -1.32 -21.10 -15.47
CA MET A 295 -2.19 -20.11 -16.09
C MET A 295 -3.23 -20.81 -16.94
N GLU A 296 -2.79 -21.68 -17.83
CA GLU A 296 -3.69 -22.40 -18.74
C GLU A 296 -4.82 -23.10 -18.00
N ARG A 297 -4.46 -23.86 -16.96
CA ARG A 297 -5.44 -24.54 -16.13
C ARG A 297 -6.44 -23.57 -15.53
N TYR A 298 -5.95 -22.65 -14.69
CA TYR A 298 -6.86 -21.78 -13.95
C TYR A 298 -7.70 -20.83 -14.83
N VAL A 299 -7.04 -20.02 -15.66
CA VAL A 299 -7.78 -19.02 -16.43
C VAL A 299 -8.54 -19.71 -17.56
N GLY A 300 -8.00 -20.82 -18.05
CA GLY A 300 -8.68 -21.60 -19.06
C GLY A 300 -10.00 -22.16 -18.55
N THR A 301 -9.94 -22.83 -17.41
CA THR A 301 -11.12 -23.37 -16.77
C THR A 301 -12.10 -22.25 -16.46
N ALA A 302 -11.57 -21.09 -16.09
CA ALA A 302 -12.41 -19.93 -15.79
C ALA A 302 -13.18 -19.45 -17.01
N TYR A 303 -12.50 -19.37 -18.15
CA TYR A 303 -13.12 -18.87 -19.37
C TYR A 303 -14.11 -19.87 -19.93
N GLN A 304 -13.74 -21.14 -19.89
CA GLN A 304 -14.60 -22.22 -20.37
C GLN A 304 -15.91 -22.30 -19.61
N LEU A 305 -15.90 -21.92 -18.34
CA LEU A 305 -17.07 -22.10 -17.49
C LEU A 305 -17.76 -20.74 -17.44
N GLY A 306 -17.19 -19.78 -18.17
CA GLY A 306 -17.79 -18.47 -18.33
C GLY A 306 -17.71 -17.50 -17.17
N TYR A 307 -16.74 -17.69 -16.28
CA TYR A 307 -16.51 -16.76 -15.19
C TYR A 307 -15.82 -15.49 -15.66
N ILE A 308 -15.06 -15.57 -16.75
CA ILE A 308 -14.47 -14.39 -17.35
C ILE A 308 -14.66 -14.38 -18.86
N ASP A 309 -14.76 -13.18 -19.42
CA ASP A 309 -14.74 -13.00 -20.85
C ASP A 309 -13.32 -12.67 -21.32
N LEU A 310 -12.96 -13.16 -22.50
CA LEU A 310 -11.65 -12.86 -23.05
C LEU A 310 -11.80 -12.22 -24.42
N PRO A 311 -10.99 -11.20 -24.71
CA PRO A 311 -10.95 -10.66 -26.07
C PRO A 311 -10.42 -11.73 -27.03
N GLU A 312 -10.80 -11.67 -28.30
CA GLU A 312 -10.41 -12.71 -29.24
C GLU A 312 -8.92 -12.79 -29.51
N ASN A 313 -8.19 -11.72 -29.25
CA ASN A 313 -6.76 -11.69 -29.58
C ASN A 313 -5.88 -12.54 -28.65
N VAL A 314 -6.30 -12.75 -27.40
CA VAL A 314 -5.45 -13.42 -26.40
C VAL A 314 -4.92 -14.78 -26.85
N GLU A 315 -3.73 -15.10 -26.36
CA GLU A 315 -3.08 -16.38 -26.61
C GLU A 315 -2.69 -17.06 -25.31
N ILE A 316 -2.97 -18.35 -25.21
CA ILE A 316 -2.65 -19.12 -24.01
C ILE A 316 -1.82 -20.35 -24.37
N TYR A 317 -0.65 -20.47 -23.74
CA TYR A 317 0.29 -21.53 -24.06
C TYR A 317 0.83 -22.20 -22.80
N GLY A 318 0.79 -23.53 -22.76
CA GLY A 318 1.14 -24.24 -21.54
C GLY A 318 2.43 -25.02 -21.54
N SER A 319 2.71 -25.77 -22.60
CA SER A 319 3.90 -26.60 -22.64
C SER A 319 5.11 -25.76 -23.03
N ARG A 320 6.31 -26.27 -22.76
CA ARG A 320 7.54 -25.51 -22.99
C ARG A 320 7.68 -25.10 -24.46
N ARG A 321 7.23 -25.94 -25.37
CA ARG A 321 7.39 -25.66 -26.80
C ARG A 321 6.55 -24.45 -27.20
N ASP A 322 5.27 -24.47 -26.81
CA ASP A 322 4.36 -23.36 -27.11
C ASP A 322 4.91 -22.06 -26.51
N ILE A 323 5.34 -22.13 -25.26
CA ILE A 323 5.81 -20.96 -24.55
C ILE A 323 7.06 -20.38 -25.19
N ASP A 324 8.11 -21.20 -25.31
CA ASP A 324 9.36 -20.74 -25.90
C ASP A 324 9.18 -20.24 -27.32
N ASN A 325 8.30 -20.89 -28.08
CA ASN A 325 8.03 -20.46 -29.45
C ASN A 325 7.38 -19.10 -29.43
N ALA A 326 6.38 -18.96 -28.57
CA ALA A 326 5.67 -17.71 -28.38
C ALA A 326 6.62 -16.61 -27.95
N LEU A 327 7.69 -16.98 -27.24
CA LEU A 327 8.61 -16.01 -26.67
C LEU A 327 9.72 -15.58 -27.63
N LYS A 328 10.17 -16.50 -28.48
CA LYS A 328 11.01 -16.11 -29.61
C LYS A 328 10.24 -15.17 -30.54
N LYS A 329 9.03 -15.59 -30.86
CA LYS A 329 8.10 -14.80 -31.65
C LYS A 329 7.95 -13.39 -31.07
N ILE A 330 7.67 -13.36 -29.77
CA ILE A 330 7.28 -12.17 -29.05
C ILE A 330 8.52 -11.26 -28.98
N MET A 331 9.69 -11.90 -28.95
CA MET A 331 10.96 -11.21 -28.92
C MET A 331 11.29 -10.51 -30.25
N GLU A 332 11.30 -11.28 -31.33
CA GLU A 332 11.75 -10.76 -32.62
C GLU A 332 10.75 -9.82 -33.27
N ALA A 333 9.49 -9.93 -32.89
CA ALA A 333 8.44 -9.06 -33.44
C ALA A 333 8.41 -7.75 -32.66
N GLY A 334 8.91 -7.78 -31.43
CA GLY A 334 8.97 -6.59 -30.60
C GLY A 334 8.22 -6.70 -29.29
N LYS A 335 8.94 -6.57 -28.19
CA LYS A 335 8.35 -6.63 -26.85
C LYS A 335 7.42 -5.44 -26.59
N ASP A 336 7.70 -4.33 -27.24
CA ASP A 336 6.88 -3.12 -27.12
C ASP A 336 5.41 -3.38 -27.46
N LYS A 337 5.16 -4.39 -28.29
CA LYS A 337 3.83 -4.66 -28.80
C LYS A 337 3.25 -5.90 -28.14
N TYR A 338 3.65 -6.16 -26.90
CA TYR A 338 3.25 -7.36 -26.18
C TYR A 338 3.21 -7.21 -24.66
N LEU A 339 2.29 -7.95 -24.04
CA LEU A 339 2.22 -8.03 -22.58
C LEU A 339 2.09 -9.47 -22.12
N PRO A 340 3.23 -10.14 -21.92
CA PRO A 340 3.24 -11.51 -21.38
C PRO A 340 2.76 -11.54 -19.94
N VAL A 341 1.74 -12.35 -19.67
CA VAL A 341 1.25 -12.52 -18.31
C VAL A 341 1.51 -13.94 -17.85
N MET A 342 2.19 -14.07 -16.72
CA MET A 342 2.72 -15.38 -16.35
C MET A 342 2.81 -15.69 -14.86
N THR A 343 3.29 -16.90 -14.61
CA THR A 343 3.55 -17.41 -13.27
C THR A 343 5.02 -17.25 -12.91
N GLY A 344 5.34 -17.43 -11.64
CA GLY A 344 6.72 -17.37 -11.20
C GLY A 344 7.03 -16.25 -10.22
N HIS A 345 5.98 -15.66 -9.65
CA HIS A 345 6.13 -14.48 -8.80
C HIS A 345 6.85 -14.77 -7.49
N GLN A 346 6.87 -16.03 -7.06
CA GLN A 346 7.58 -16.40 -5.86
C GLN A 346 8.94 -17.00 -6.21
N GLY A 347 9.36 -16.81 -7.46
CA GLY A 347 10.65 -17.28 -7.92
C GLY A 347 10.79 -18.78 -8.08
N GLU A 348 9.70 -19.44 -8.46
CA GLU A 348 9.75 -20.88 -8.71
C GLU A 348 10.67 -21.18 -9.88
N PRO A 349 11.73 -21.95 -9.65
CA PRO A 349 12.56 -22.39 -10.77
C PRO A 349 11.83 -23.44 -11.58
N GLY A 350 11.69 -23.22 -12.88
CA GLY A 350 10.87 -24.08 -13.70
C GLY A 350 9.62 -23.35 -14.12
N ALA A 351 9.21 -22.39 -13.31
CA ALA A 351 8.16 -21.46 -13.71
C ALA A 351 8.71 -20.59 -14.82
N VAL A 352 7.84 -20.13 -15.70
CA VAL A 352 8.24 -19.45 -16.93
C VAL A 352 9.12 -18.24 -16.65
N LEU A 353 8.82 -17.50 -15.58
CA LEU A 353 9.60 -16.33 -15.24
C LEU A 353 10.99 -16.72 -14.76
N GLY A 354 11.05 -17.80 -13.99
CA GLY A 354 12.32 -18.30 -13.49
C GLY A 354 13.17 -18.75 -14.66
N ARG A 355 12.52 -19.28 -15.68
CA ARG A 355 13.20 -19.75 -16.88
C ARG A 355 13.68 -18.60 -17.75
N ILE A 356 12.91 -17.51 -17.78
CA ILE A 356 13.34 -16.30 -18.47
C ILE A 356 14.51 -15.62 -17.77
N ALA A 357 14.49 -15.59 -16.44
CA ALA A 357 15.56 -14.98 -15.67
C ALA A 357 16.87 -15.74 -15.81
N ASN A 358 16.77 -17.05 -16.05
CA ASN A 358 17.96 -17.87 -16.20
C ASN A 358 18.42 -17.93 -17.66
N GLY A 359 17.64 -17.33 -18.55
CA GLY A 359 17.99 -17.31 -19.97
C GLY A 359 17.76 -18.63 -20.66
N GLU A 360 17.03 -19.53 -20.01
CA GLU A 360 16.66 -20.81 -20.60
C GLU A 360 15.47 -20.66 -21.55
N THR A 361 15.45 -19.54 -22.27
CA THR A 361 14.31 -19.17 -23.09
C THR A 361 14.80 -18.21 -24.18
N PRO A 362 14.08 -18.17 -25.32
CA PRO A 362 14.47 -17.20 -26.36
C PRO A 362 14.39 -15.74 -25.92
N PHE A 363 13.33 -15.39 -25.20
CA PHE A 363 13.12 -14.02 -24.73
C PHE A 363 14.18 -13.72 -23.66
N LYS A 364 15.04 -12.75 -23.93
CA LYS A 364 16.14 -12.44 -23.03
C LYS A 364 16.14 -10.94 -22.69
N VAL A 365 15.75 -10.61 -21.46
CA VAL A 365 15.47 -9.22 -21.06
C VAL A 365 16.69 -8.31 -21.07
N GLU A 366 16.45 -7.05 -21.42
CA GLU A 366 17.49 -6.03 -21.54
C GLU A 366 17.18 -4.84 -20.64
N THR A 367 18.11 -3.90 -20.56
CA THR A 367 17.99 -2.74 -19.68
C THR A 367 16.73 -1.91 -19.95
N GLY A 368 16.05 -1.53 -18.87
CA GLY A 368 14.83 -0.75 -18.96
C GLY A 368 13.58 -1.58 -18.79
N ASP A 369 13.66 -2.86 -19.19
CA ASP A 369 12.52 -3.77 -19.13
C ASP A 369 11.87 -3.80 -17.75
N ARG A 370 10.54 -3.80 -17.74
CA ARG A 370 9.77 -3.71 -16.50
C ARG A 370 9.18 -5.05 -16.11
N ILE A 371 9.48 -5.50 -14.90
CA ILE A 371 8.88 -6.72 -14.39
C ILE A 371 7.91 -6.33 -13.28
N ILE A 372 6.64 -6.67 -13.47
CA ILE A 372 5.58 -6.24 -12.57
C ILE A 372 5.04 -7.41 -11.78
N PHE A 373 5.38 -7.45 -10.50
CA PHE A 373 4.92 -8.49 -9.60
C PHE A 373 3.61 -8.06 -8.97
N SER A 374 2.49 -8.56 -9.49
CA SER A 374 1.22 -8.27 -8.86
C SER A 374 0.91 -9.36 -7.83
N ALA A 375 1.77 -9.45 -6.82
CA ALA A 375 1.69 -10.48 -5.80
C ALA A 375 2.54 -10.10 -4.59
N ASN A 376 2.18 -10.64 -3.42
CA ASN A 376 2.99 -10.41 -2.23
C ASN A 376 4.09 -11.44 -2.16
N VAL A 377 5.08 -11.19 -1.31
CA VAL A 377 6.08 -12.20 -1.02
C VAL A 377 5.57 -13.04 0.13
N ILE A 378 5.36 -14.33 -0.10
CA ILE A 378 4.94 -15.23 0.95
C ILE A 378 6.05 -15.31 1.99
N PRO A 379 5.72 -15.00 3.26
CA PRO A 379 6.69 -14.82 4.35
C PRO A 379 7.41 -16.08 4.80
N ASN A 380 7.90 -16.87 3.87
CA ASN A 380 8.65 -18.09 4.20
C ASN A 380 10.03 -18.05 3.58
N PRO A 381 11.07 -18.37 4.37
CA PRO A 381 12.48 -18.31 3.95
C PRO A 381 12.77 -18.97 2.60
N MET A 382 12.05 -20.05 2.29
CA MET A 382 12.22 -20.72 1.01
C MET A 382 11.83 -19.80 -0.14
N THR A 383 10.56 -19.38 -0.15
CA THR A 383 10.03 -18.52 -1.20
C THR A 383 10.70 -17.15 -1.23
N GLN A 384 11.14 -16.66 -0.07
CA GLN A 384 11.85 -15.39 -0.01
C GLN A 384 13.24 -15.50 -0.63
N ALA A 385 13.90 -16.64 -0.40
CA ALA A 385 15.18 -16.88 -1.04
C ALA A 385 15.01 -17.00 -2.54
N ASN A 386 14.04 -17.82 -2.97
CA ASN A 386 13.76 -18.00 -4.39
C ASN A 386 13.49 -16.69 -5.10
N ARG A 387 12.68 -15.85 -4.47
CA ARG A 387 12.29 -14.58 -5.08
C ARG A 387 13.47 -13.62 -5.06
N TYR A 388 14.30 -13.75 -4.03
CA TYR A 388 15.52 -12.95 -3.95
C TYR A 388 16.39 -13.23 -5.15
N ALA A 389 16.78 -14.50 -5.30
CA ALA A 389 17.65 -14.92 -6.40
C ALA A 389 17.07 -14.49 -7.74
N LEU A 390 15.76 -14.69 -7.90
CA LEU A 390 15.06 -14.28 -9.11
C LEU A 390 15.26 -12.80 -9.40
N GLU A 391 14.93 -11.96 -8.41
CA GLU A 391 15.02 -10.52 -8.61
C GLU A 391 16.45 -10.04 -8.86
N THR A 392 17.45 -10.67 -8.24
CA THR A 392 18.81 -10.23 -8.53
C THR A 392 19.21 -10.61 -9.95
N LYS A 393 18.85 -11.82 -10.38
CA LYS A 393 19.11 -12.18 -11.77
C LYS A 393 18.46 -11.19 -12.72
N LEU A 394 17.22 -10.81 -12.44
CA LEU A 394 16.54 -9.85 -13.29
C LEU A 394 17.24 -8.48 -13.28
N LYS A 395 17.69 -8.03 -12.11
CA LYS A 395 18.35 -6.74 -12.01
C LYS A 395 19.71 -6.70 -12.71
N MET A 396 20.42 -7.83 -12.72
CA MET A 396 21.71 -7.88 -13.41
C MET A 396 21.51 -7.79 -14.91
N LYS A 397 20.34 -8.22 -15.39
CA LYS A 397 20.01 -8.13 -16.81
C LYS A 397 19.35 -6.78 -17.10
N GLY A 398 19.42 -5.88 -16.13
CA GLY A 398 18.99 -4.50 -16.32
C GLY A 398 17.53 -4.20 -16.03
N ALA A 399 16.77 -5.20 -15.59
CA ALA A 399 15.33 -5.05 -15.44
C ALA A 399 14.96 -4.10 -14.31
N ARG A 400 13.78 -3.47 -14.43
CA ARG A 400 13.30 -2.59 -13.38
C ARG A 400 12.02 -3.19 -12.76
N ILE A 401 12.06 -3.37 -11.45
CA ILE A 401 11.06 -4.20 -10.76
C ILE A 401 10.01 -3.42 -9.97
N TYR A 402 8.75 -3.74 -10.22
CA TYR A 402 7.65 -3.18 -9.45
C TYR A 402 7.10 -4.26 -8.54
N ASP A 403 7.32 -4.09 -7.24
CA ASP A 403 6.99 -5.13 -6.29
C ASP A 403 5.64 -4.89 -5.62
N ASN A 404 4.97 -5.98 -5.29
CA ASN A 404 3.82 -5.97 -4.38
C ASN A 404 2.73 -4.96 -4.77
N VAL A 405 2.44 -4.84 -6.06
CA VAL A 405 1.28 -4.06 -6.49
C VAL A 405 0.10 -5.03 -6.29
N HIS A 406 -0.38 -5.06 -5.05
CA HIS A 406 -1.15 -6.20 -4.57
C HIS A 406 -2.01 -5.79 -3.38
N VAL A 407 -3.10 -6.52 -3.15
CA VAL A 407 -3.92 -6.35 -1.95
C VAL A 407 -4.27 -7.74 -1.43
N SER A 408 -4.16 -7.91 -0.12
CA SER A 408 -4.39 -9.22 0.50
C SER A 408 -5.83 -9.67 0.33
N GLY A 409 -6.01 -10.96 0.05
CA GLY A 409 -7.34 -11.52 -0.11
C GLY A 409 -7.94 -12.02 1.18
N HIS A 410 -7.32 -11.68 2.29
CA HIS A 410 -7.79 -12.11 3.61
C HIS A 410 -8.35 -10.93 4.40
N ALA A 411 -9.23 -11.24 5.35
CA ALA A 411 -9.89 -10.20 6.12
C ALA A 411 -9.02 -9.67 7.24
N TYR A 412 -9.20 -8.39 7.54
CA TYR A 412 -8.46 -7.74 8.60
C TYR A 412 -9.25 -7.75 9.90
N ARG A 413 -8.74 -7.05 10.91
CA ARG A 413 -9.40 -6.99 12.22
C ARG A 413 -10.84 -6.51 12.16
N GLU A 414 -11.10 -5.48 11.37
CA GLU A 414 -12.43 -4.86 11.36
C GLU A 414 -13.43 -5.69 10.60
N ASP A 415 -12.95 -6.36 9.56
CA ASP A 415 -13.78 -7.27 8.79
C ASP A 415 -14.23 -8.42 9.69
N HIS A 416 -13.29 -8.93 10.48
CA HIS A 416 -13.58 -9.95 11.49
C HIS A 416 -14.55 -9.46 12.56
N TRP A 417 -14.30 -8.23 13.03
CA TRP A 417 -15.13 -7.58 14.03
C TRP A 417 -16.59 -7.55 13.59
N GLU A 418 -16.83 -7.00 12.41
CA GLU A 418 -18.19 -6.91 11.91
C GLU A 418 -18.76 -8.29 11.55
N LEU A 419 -17.90 -9.24 11.19
CA LEU A 419 -18.38 -10.61 10.97
C LEU A 419 -18.96 -11.18 12.26
N LEU A 420 -18.22 -10.99 13.35
CA LEU A 420 -18.71 -11.35 14.67
C LEU A 420 -19.98 -10.58 15.03
N ARG A 421 -20.10 -9.35 14.55
CA ARG A 421 -21.27 -8.55 14.92
C ARG A 421 -22.53 -8.86 14.11
N MET A 422 -22.38 -9.48 12.94
CA MET A 422 -23.59 -9.89 12.20
C MET A 422 -23.94 -11.36 12.43
N LEU A 423 -22.94 -12.24 12.55
CA LEU A 423 -23.24 -13.66 12.76
C LEU A 423 -23.59 -13.94 14.21
N LYS A 424 -23.06 -13.13 15.11
CA LYS A 424 -23.25 -13.30 16.55
C LYS A 424 -23.10 -14.76 17.00
N PRO A 425 -21.95 -15.39 16.72
CA PRO A 425 -21.78 -16.81 17.04
C PRO A 425 -21.67 -17.06 18.53
N GLU A 426 -22.15 -18.22 18.98
CA GLU A 426 -22.09 -18.55 20.40
C GLU A 426 -20.69 -19.00 20.78
N HIS A 427 -20.00 -19.66 19.85
CA HIS A 427 -18.58 -19.95 20.04
C HIS A 427 -17.77 -19.52 18.81
N VAL A 428 -16.49 -19.23 19.02
CA VAL A 428 -15.60 -18.92 17.92
C VAL A 428 -14.30 -19.72 18.03
N ILE A 429 -13.86 -20.25 16.90
CA ILE A 429 -12.62 -21.01 16.83
C ILE A 429 -11.81 -20.49 15.65
N PRO A 430 -10.70 -19.79 15.95
CA PRO A 430 -9.78 -19.37 14.89
C PRO A 430 -9.11 -20.57 14.24
N ALA A 431 -9.07 -20.54 12.92
CA ALA A 431 -8.42 -21.58 12.14
C ALA A 431 -7.53 -20.94 11.09
N HIS A 432 -6.88 -21.77 10.28
CA HIS A 432 -6.16 -21.28 9.11
C HIS A 432 -5.09 -20.27 9.51
N GLY A 433 -4.12 -20.70 10.31
CA GLY A 433 -3.04 -19.83 10.72
C GLY A 433 -2.12 -20.42 11.78
N THR A 434 -1.15 -19.63 12.23
CA THR A 434 -0.29 -20.03 13.34
C THR A 434 -0.90 -19.62 14.66
N ILE A 435 -0.38 -20.17 15.75
CA ILE A 435 -0.84 -19.82 17.10
C ILE A 435 -0.71 -18.32 17.39
N GLN A 436 0.24 -17.63 16.77
CA GLN A 436 0.34 -16.18 16.97
C GLN A 436 -0.78 -15.42 16.26
N MET A 437 -1.09 -15.84 15.04
CA MET A 437 -2.23 -15.29 14.31
C MET A 437 -3.49 -15.49 15.15
N HIS A 438 -3.60 -16.70 15.68
CA HIS A 438 -4.71 -17.07 16.55
C HIS A 438 -4.75 -16.19 17.79
N SER A 439 -3.58 -15.86 18.33
CA SER A 439 -3.47 -14.95 19.48
C SER A 439 -4.02 -13.56 19.16
N GLU A 440 -3.69 -13.05 17.98
CA GLU A 440 -4.20 -11.75 17.58
C GLU A 440 -5.72 -11.80 17.49
N TYR A 441 -6.21 -12.86 16.84
CA TYR A 441 -7.65 -13.01 16.69
C TYR A 441 -8.32 -13.10 18.06
N ILE A 442 -7.73 -13.88 18.96
CA ILE A 442 -8.21 -14.01 20.33
C ILE A 442 -8.36 -12.65 21.00
N GLN A 443 -7.33 -11.81 20.92
CA GLN A 443 -7.44 -10.49 21.52
C GLN A 443 -8.61 -9.70 20.92
N MET A 444 -8.77 -9.78 19.59
CA MET A 444 -9.88 -9.08 18.95
C MET A 444 -11.24 -9.61 19.41
N ALA A 445 -11.36 -10.92 19.55
CA ALA A 445 -12.61 -11.54 19.94
C ALA A 445 -12.94 -11.22 21.39
N GLU A 446 -11.90 -11.10 22.21
CA GLU A 446 -12.05 -10.65 23.58
C GLU A 446 -12.58 -9.24 23.63
N ASP A 447 -12.18 -8.40 22.68
CA ASP A 447 -12.83 -7.09 22.57
C ASP A 447 -14.34 -7.22 22.32
N ALA A 448 -14.75 -8.34 21.73
CA ALA A 448 -16.16 -8.54 21.37
C ALA A 448 -16.97 -9.20 22.48
N GLY A 449 -16.34 -9.48 23.62
CA GLY A 449 -17.05 -10.04 24.74
C GLY A 449 -16.78 -11.51 25.01
N TYR A 450 -15.92 -12.12 24.19
CA TYR A 450 -15.65 -13.55 24.31
C TYR A 450 -14.54 -13.84 25.33
N SER A 451 -14.44 -15.09 25.74
CA SER A 451 -13.53 -15.50 26.80
C SER A 451 -12.84 -16.80 26.42
N LEU A 452 -11.53 -16.85 26.61
CA LEU A 452 -10.75 -17.99 26.16
C LEU A 452 -10.99 -19.22 27.04
N GLY A 453 -11.23 -20.36 26.39
CA GLY A 453 -11.47 -21.60 27.11
C GLY A 453 -12.91 -21.74 27.57
N ASP A 454 -13.74 -20.75 27.22
CA ASP A 454 -15.13 -20.74 27.66
C ASP A 454 -16.04 -20.59 26.43
N THR A 455 -15.98 -19.43 25.78
CA THR A 455 -16.80 -19.18 24.60
C THR A 455 -15.91 -18.85 23.39
N LEU A 456 -14.60 -18.83 23.64
CA LEU A 456 -13.60 -18.67 22.58
C LEU A 456 -12.51 -19.70 22.77
N HIS A 457 -12.20 -20.44 21.71
CA HIS A 457 -11.40 -21.64 21.84
C HIS A 457 -10.19 -21.68 20.91
N LEU A 458 -9.04 -21.97 21.48
CA LEU A 458 -7.81 -22.14 20.73
C LEU A 458 -7.50 -23.62 20.60
N LEU A 459 -7.67 -24.15 19.39
CA LEU A 459 -7.43 -25.55 19.12
C LEU A 459 -6.10 -25.76 18.41
N ARG A 460 -5.51 -26.93 18.59
CA ARG A 460 -4.29 -27.30 17.90
C ARG A 460 -4.60 -28.43 16.93
N ASN A 461 -3.69 -28.72 16.01
CA ASN A 461 -3.89 -29.83 15.10
C ASN A 461 -4.08 -31.12 15.88
N GLY A 462 -5.18 -31.83 15.62
CA GLY A 462 -5.42 -33.10 16.27
C GLY A 462 -6.32 -33.05 17.48
N GLU A 463 -6.92 -31.88 17.74
CA GLU A 463 -7.73 -31.73 18.94
C GLU A 463 -9.22 -31.56 18.62
N GLU A 464 -10.06 -32.10 19.49
CA GLU A 464 -11.50 -32.04 19.31
C GLU A 464 -12.14 -31.25 20.44
N LEU A 465 -12.99 -30.29 20.08
CA LEU A 465 -13.70 -29.48 21.06
C LEU A 465 -15.20 -29.83 21.02
N TYR A 466 -15.77 -30.10 22.19
CA TYR A 466 -17.18 -30.47 22.30
C TYR A 466 -18.09 -29.30 22.70
N ILE A 467 -19.18 -29.12 21.97
CA ILE A 467 -20.27 -28.22 22.36
C ILE A 467 -21.49 -29.07 22.67
N GLU A 468 -22.15 -28.80 23.79
CA GLU A 468 -23.26 -29.62 24.25
C GLU A 468 -24.63 -28.99 23.93
N GLU A 469 -25.67 -29.80 24.12
CA GLU A 469 -27.06 -29.36 23.98
C GLU A 469 -27.38 -28.92 22.55
N HIS B 9 61.63 7.54 -30.84
CA HIS B 9 61.81 8.47 -31.94
C HIS B 9 60.46 9.00 -32.42
N HIS B 10 59.49 8.10 -32.46
CA HIS B 10 58.23 8.30 -33.16
C HIS B 10 56.99 8.26 -32.26
N SER B 11 56.03 7.41 -32.61
CA SER B 11 54.79 7.20 -31.85
C SER B 11 53.88 8.44 -31.87
N SER B 12 52.61 8.26 -31.54
CA SER B 12 51.66 9.37 -31.59
C SER B 12 50.53 9.30 -30.56
N GLY B 13 49.40 9.90 -30.94
CA GLY B 13 48.28 10.11 -30.04
C GLY B 13 47.79 11.54 -30.17
N LEU B 14 46.50 11.78 -29.97
CA LEU B 14 45.93 13.10 -30.16
C LEU B 14 44.69 13.34 -29.31
N VAL B 15 44.60 14.52 -28.70
CA VAL B 15 43.44 14.88 -27.89
C VAL B 15 43.01 16.32 -28.15
N PRO B 16 41.70 16.53 -28.38
CA PRO B 16 41.11 17.87 -28.48
C PRO B 16 41.14 18.58 -27.13
N ARG B 17 41.42 19.88 -27.12
CA ARG B 17 41.52 20.64 -25.89
C ARG B 17 40.54 21.80 -25.83
N GLY B 18 40.21 22.22 -24.60
CA GLY B 18 39.32 23.35 -24.37
C GLY B 18 37.93 23.17 -24.96
N SER B 19 37.21 24.28 -25.11
CA SER B 19 37.71 25.59 -24.73
C SER B 19 36.89 26.21 -23.60
N HIS B 20 37.31 27.37 -23.11
CA HIS B 20 36.65 28.02 -21.99
C HIS B 20 36.31 29.47 -22.31
N SER B 23 34.31 29.18 -17.77
CA SER B 23 33.16 30.06 -17.97
C SER B 23 32.33 30.17 -16.70
N THR B 24 31.38 29.25 -16.55
CA THR B 24 30.43 29.30 -15.45
C THR B 24 30.86 28.45 -14.26
N GLU B 25 31.16 29.08 -13.14
CA GLU B 25 31.45 28.30 -11.95
C GLU B 25 30.18 28.23 -11.12
N ILE B 26 29.59 27.04 -11.09
CA ILE B 26 28.36 26.82 -10.34
C ILE B 26 28.76 26.14 -9.05
N GLY B 27 28.16 26.56 -7.94
CA GLY B 27 28.41 25.94 -6.65
C GLY B 27 27.11 25.51 -6.02
N ILE B 28 27.13 24.37 -5.35
CA ILE B 28 25.94 23.92 -4.63
C ILE B 28 26.25 23.79 -3.16
N ILE B 29 25.51 24.56 -2.36
CA ILE B 29 25.72 24.63 -0.93
C ILE B 29 24.64 23.81 -0.23
N ALA B 30 25.07 22.74 0.42
CA ALA B 30 24.17 21.96 1.26
C ALA B 30 24.27 22.52 2.66
N VAL B 31 23.22 23.22 3.12
CA VAL B 31 23.26 23.80 4.46
C VAL B 31 22.29 23.09 5.40
N GLY B 32 21.16 22.61 4.87
CA GLY B 32 20.19 21.94 5.70
C GLY B 32 19.40 20.82 5.04
N GLY B 33 19.08 19.80 5.84
CA GLY B 33 18.28 18.67 5.39
C GLY B 33 19.02 17.61 4.61
N TYR B 34 20.35 17.60 4.71
CA TYR B 34 21.17 16.57 4.07
C TYR B 34 21.69 15.54 5.06
N ASN B 35 21.46 15.76 6.35
CA ASN B 35 21.85 14.78 7.36
C ASN B 35 20.62 14.17 8.00
N GLU B 36 19.49 14.82 7.77
CA GLU B 36 18.23 14.51 8.44
C GLU B 36 17.16 14.86 7.41
N MET B 37 15.90 14.64 7.73
CA MET B 37 14.88 15.23 6.88
C MET B 37 14.37 16.48 7.55
N GLY B 38 13.94 17.42 6.73
CA GLY B 38 13.47 18.70 7.21
C GLY B 38 14.65 19.61 7.45
N ARG B 39 14.38 20.84 7.85
CA ARG B 39 15.42 21.84 8.09
C ARG B 39 16.12 22.11 6.77
N ASN B 40 15.40 21.93 5.67
CA ASN B 40 16.00 22.00 4.35
C ASN B 40 16.45 23.40 3.96
N MET B 41 17.70 23.52 3.53
CA MET B 41 18.18 24.73 2.86
C MET B 41 19.33 24.38 1.93
N THR B 42 19.18 24.84 0.69
CA THR B 42 20.18 24.64 -0.33
C THR B 42 20.49 26.01 -0.93
N ALA B 43 21.73 26.23 -1.36
CA ALA B 43 22.03 27.45 -2.09
C ALA B 43 22.66 27.16 -3.43
N ILE B 44 22.10 27.78 -4.47
CA ILE B 44 22.60 27.62 -5.82
C ILE B 44 23.40 28.86 -6.16
N ARG B 45 24.71 28.71 -6.24
CA ARG B 45 25.58 29.82 -6.54
C ARG B 45 25.96 29.78 -8.01
N VAL B 46 25.58 30.81 -8.75
CA VAL B 46 26.01 30.93 -10.12
C VAL B 46 27.09 31.99 -10.12
N ASN B 47 28.34 31.52 -10.12
CA ASN B 47 29.53 32.36 -9.98
C ASN B 47 29.39 33.36 -8.82
N GLU B 48 28.94 34.56 -9.20
CA GLU B 48 28.78 35.76 -8.36
C GLU B 48 27.46 35.86 -7.59
N ASP B 49 26.36 35.41 -8.20
CA ASP B 49 25.00 35.44 -7.63
C ASP B 49 24.51 34.18 -6.88
N ILE B 50 23.72 34.35 -5.83
CA ILE B 50 23.20 33.21 -5.06
C ILE B 50 21.66 33.13 -5.00
N ILE B 51 21.12 31.93 -5.22
CA ILE B 51 19.69 31.67 -5.04
C ILE B 51 19.45 30.70 -3.89
N ILE B 52 18.72 31.12 -2.87
CA ILE B 52 18.42 30.23 -1.76
C ILE B 52 17.15 29.44 -2.08
N ILE B 53 17.20 28.13 -1.92
CA ILE B 53 16.01 27.30 -2.07
C ILE B 53 15.69 26.60 -0.76
N ASP B 54 14.45 26.82 -0.31
CA ASP B 54 13.89 26.28 0.95
C ASP B 54 14.61 26.77 2.19
N MET B 55 13.83 27.02 3.23
CA MET B 55 14.35 27.29 4.57
C MET B 55 13.36 26.67 5.56
N GLY B 56 13.60 25.43 5.95
CA GLY B 56 12.63 24.73 6.78
C GLY B 56 12.97 24.61 8.25
N ILE B 57 11.94 24.31 9.04
CA ILE B 57 12.11 24.06 10.47
C ILE B 57 12.15 22.55 10.68
N ARG B 58 12.99 22.09 11.60
CA ARG B 58 12.91 20.70 12.06
C ARG B 58 12.20 20.63 13.41
N LEU B 59 10.98 20.13 13.40
CA LEU B 59 10.17 20.07 14.62
C LEU B 59 10.46 18.82 15.44
N ASP B 60 11.42 18.01 14.98
CA ASP B 60 11.74 16.78 15.67
C ASP B 60 12.65 17.01 16.88
N ARG B 61 13.87 17.48 16.65
CA ARG B 61 14.86 17.57 17.71
C ARG B 61 14.69 18.82 18.60
N VAL B 62 13.54 19.48 18.48
CA VAL B 62 13.17 20.56 19.39
C VAL B 62 12.32 20.04 20.54
N GLN B 63 11.54 18.99 20.29
CA GLN B 63 10.64 18.44 21.30
C GLN B 63 11.33 17.49 22.27
N ILE B 64 12.53 17.05 21.91
CA ILE B 64 13.32 16.17 22.78
C ILE B 64 13.70 16.92 24.06
N HIS B 65 13.74 18.24 23.99
CA HIS B 65 14.08 19.06 25.15
C HIS B 65 12.79 19.47 25.88
N GLU B 66 12.89 19.66 27.19
CA GLU B 66 11.69 19.91 28.00
C GLU B 66 11.18 21.34 27.87
N ASP B 67 10.31 21.52 26.86
CA ASP B 67 9.61 22.76 26.41
C ASP B 67 10.08 23.13 25.01
N VAL B 68 9.17 23.60 24.16
CA VAL B 68 9.54 23.93 22.79
C VAL B 68 9.76 25.43 22.59
N ASP B 69 8.85 26.25 23.11
CA ASP B 69 8.89 27.72 22.93
C ASP B 69 8.89 28.05 21.44
N THR B 70 10.10 28.15 20.85
CA THR B 70 10.31 28.51 19.44
C THR B 70 9.93 29.96 19.11
N ASP B 71 9.23 30.64 20.02
CA ASP B 71 8.76 32.00 19.74
C ASP B 71 9.73 33.14 20.09
N ARG B 72 10.05 33.29 21.38
CA ARG B 72 10.86 34.42 21.82
C ARG B 72 12.36 34.10 21.71
N MET B 73 12.68 33.00 21.02
CA MET B 73 14.06 32.59 20.81
C MET B 73 14.55 33.22 19.52
N HIS B 74 15.84 33.58 19.45
CA HIS B 74 16.39 34.07 18.20
C HIS B 74 17.15 32.92 17.52
N SER B 75 17.54 33.13 16.26
CA SER B 75 18.06 32.10 15.36
C SER B 75 19.10 31.16 15.97
N LEU B 76 20.08 31.74 16.65
CA LEU B 76 21.27 31.03 17.10
C LEU B 76 20.95 29.78 17.95
N GLU B 77 20.16 29.96 18.99
CA GLU B 77 19.79 28.84 19.88
C GLU B 77 19.18 27.68 19.10
N LEU B 78 18.23 27.99 18.23
CA LEU B 78 17.62 26.97 17.39
C LEU B 78 18.67 26.37 16.47
N ILE B 79 19.72 27.12 16.12
CA ILE B 79 20.80 26.50 15.35
C ILE B 79 21.55 25.47 16.20
N GLU B 80 21.80 25.73 17.49
CA GLU B 80 22.41 24.62 18.25
C GLU B 80 21.41 23.51 18.53
N MET B 81 20.12 23.75 18.33
CA MET B 81 19.20 22.62 18.27
C MET B 81 19.00 22.10 16.84
N GLY B 82 18.66 23.00 15.91
CA GLY B 82 18.39 22.64 14.53
C GLY B 82 17.33 21.55 14.43
N ALA B 83 16.03 21.85 14.45
CA ALA B 83 15.36 23.17 14.37
C ALA B 83 15.62 23.91 13.05
N ILE B 84 16.40 24.99 13.07
CA ILE B 84 16.56 25.76 11.84
C ILE B 84 17.95 25.54 11.26
N PRO B 85 18.08 25.62 9.93
CA PRO B 85 19.34 25.32 9.25
C PRO B 85 20.44 26.29 9.62
N ASP B 86 21.66 25.76 9.79
CA ASP B 86 22.81 26.55 10.18
C ASP B 86 23.35 27.32 8.97
N ASP B 87 22.91 28.57 8.82
CA ASP B 87 23.34 29.39 7.70
C ASP B 87 24.60 30.20 8.03
N THR B 88 25.23 29.90 9.16
CA THR B 88 26.48 30.57 9.55
C THR B 88 27.56 30.34 8.49
N ILE B 89 27.51 29.17 7.86
CA ILE B 89 28.47 28.81 6.85
C ILE B 89 28.36 29.72 5.62
N MET B 90 27.29 30.51 5.56
CA MET B 90 27.12 31.49 4.49
C MET B 90 27.95 32.75 4.68
N ASN B 91 28.68 32.83 5.79
CA ASN B 91 29.60 33.95 5.99
C ASN B 91 30.89 33.63 5.26
N GLU B 92 31.03 32.37 4.86
CA GLU B 92 32.23 31.84 4.22
C GLU B 92 32.10 31.79 2.68
N VAL B 93 30.90 32.01 2.16
CA VAL B 93 30.68 31.93 0.71
C VAL B 93 30.90 33.29 0.04
N ASN B 94 31.41 33.28 -1.19
CA ASN B 94 31.73 34.49 -1.92
C ASN B 94 30.65 34.90 -2.93
N GLY B 95 29.59 35.52 -2.43
CA GLY B 95 28.54 36.05 -3.28
C GLY B 95 27.39 36.63 -2.48
N ASN B 96 26.43 37.26 -3.13
CA ASN B 96 25.25 37.74 -2.42
C ASN B 96 23.98 37.07 -2.93
N VAL B 97 23.11 36.70 -1.99
CA VAL B 97 21.89 36.01 -2.35
C VAL B 97 20.97 37.08 -2.93
N ARG B 98 20.35 36.79 -4.06
CA ARG B 98 19.53 37.82 -4.68
C ARG B 98 18.06 37.35 -4.74
N ALA B 99 17.78 36.19 -4.15
CA ALA B 99 16.43 35.62 -4.11
C ALA B 99 16.32 34.45 -3.13
N ILE B 100 15.09 34.18 -2.67
CA ILE B 100 14.80 33.01 -1.86
C ILE B 100 13.54 32.29 -2.36
N VAL B 101 13.72 31.17 -3.05
CA VAL B 101 12.60 30.43 -3.62
C VAL B 101 12.11 29.36 -2.64
N CYS B 102 10.82 29.06 -2.66
CA CYS B 102 10.27 27.99 -1.83
C CYS B 102 9.40 27.01 -2.63
N THR B 103 9.74 25.73 -2.49
CA THR B 103 9.12 24.65 -3.24
C THR B 103 7.62 24.47 -2.95
N HIS B 104 7.27 24.56 -1.67
CA HIS B 104 5.88 24.47 -1.22
C HIS B 104 5.80 24.81 0.26
N GLY B 105 4.59 24.82 0.81
CA GLY B 105 4.36 25.34 2.15
C GLY B 105 4.39 24.40 3.34
N HIS B 106 5.13 23.30 3.25
CA HIS B 106 5.36 22.45 4.42
C HIS B 106 6.42 23.11 5.30
N LEU B 107 6.38 22.85 6.60
CA LEU B 107 7.31 23.51 7.52
C LEU B 107 8.75 23.04 7.39
N ASP B 108 8.97 21.89 6.76
CA ASP B 108 10.33 21.45 6.53
C ASP B 108 10.92 22.21 5.35
N HIS B 109 10.14 23.14 4.79
CA HIS B 109 10.58 23.92 3.65
C HIS B 109 10.46 25.45 3.84
N ILE B 110 9.43 25.91 4.53
CA ILE B 110 9.23 27.35 4.73
C ILE B 110 9.21 27.73 6.20
N GLY B 111 9.41 26.74 7.06
CA GLY B 111 9.33 26.94 8.50
C GLY B 111 10.36 27.86 9.11
N ALA B 112 11.51 28.00 8.46
CA ALA B 112 12.61 28.77 9.01
C ALA B 112 12.63 30.20 8.48
N ILE B 113 11.75 30.48 7.52
CA ILE B 113 11.68 31.78 6.85
C ILE B 113 11.54 32.99 7.79
N PRO B 114 10.54 32.98 8.70
CA PRO B 114 10.37 34.20 9.50
C PRO B 114 11.51 34.43 10.48
N LYS B 115 12.52 33.57 10.43
CA LYS B 115 13.55 33.58 11.43
C LYS B 115 14.92 33.80 10.80
N LEU B 116 15.02 33.54 9.49
CA LEU B 116 16.29 33.62 8.78
C LEU B 116 16.23 34.50 7.54
N ALA B 117 15.05 34.58 6.90
CA ALA B 117 14.92 35.33 5.65
C ALA B 117 15.17 36.82 5.87
N HIS B 118 15.04 37.26 7.11
CA HIS B 118 15.22 38.66 7.46
C HIS B 118 16.67 39.10 7.45
N ARG B 119 17.59 38.14 7.56
CA ARG B 119 19.01 38.48 7.60
C ARG B 119 19.51 38.62 6.17
N TYR B 120 18.67 38.26 5.20
CA TYR B 120 19.06 38.30 3.80
C TYR B 120 18.27 39.36 3.05
N ALA B 121 19.00 40.23 2.36
CA ALA B 121 18.39 41.29 1.57
C ALA B 121 17.89 40.74 0.24
N ALA B 122 16.86 39.91 0.30
CA ALA B 122 16.36 39.22 -0.88
C ALA B 122 14.87 38.95 -0.80
N PRO B 123 14.20 38.96 -1.96
CA PRO B 123 12.77 38.65 -2.04
C PRO B 123 12.49 37.14 -1.92
N ILE B 124 11.30 36.80 -1.45
CA ILE B 124 10.92 35.41 -1.31
C ILE B 124 9.93 35.03 -2.40
N ILE B 125 10.35 34.18 -3.32
CA ILE B 125 9.51 33.81 -4.45
C ILE B 125 8.86 32.46 -4.19
N ALA B 126 7.56 32.38 -4.42
CA ALA B 126 6.83 31.12 -4.26
C ALA B 126 5.55 31.13 -5.08
N THR B 127 4.88 29.99 -5.08
CA THR B 127 3.60 29.86 -5.74
C THR B 127 2.53 30.40 -4.78
N PRO B 128 1.48 31.05 -5.32
CA PRO B 128 0.48 31.80 -4.54
C PRO B 128 0.11 31.26 -3.16
N TYR B 129 -0.26 29.98 -3.08
CA TYR B 129 -0.71 29.38 -1.84
C TYR B 129 0.42 29.36 -0.78
N THR B 130 1.61 29.00 -1.23
CA THR B 130 2.79 29.05 -0.39
C THR B 130 3.05 30.45 0.13
N THR B 131 3.05 31.43 -0.77
CA THR B 131 3.28 32.82 -0.39
C THR B 131 2.30 33.24 0.69
N ALA B 132 1.03 32.91 0.46
CA ALA B 132 -0.04 33.21 1.41
C ALA B 132 0.28 32.67 2.79
N LEU B 133 0.70 31.41 2.85
CA LEU B 133 0.92 30.79 4.14
C LEU B 133 2.17 31.42 4.80
N ILE B 134 3.16 31.77 3.98
CA ILE B 134 4.35 32.45 4.47
C ILE B 134 3.98 33.76 5.18
N LYS B 135 3.22 34.61 4.50
CA LYS B 135 2.86 35.89 5.09
C LYS B 135 1.98 35.66 6.31
N HIS B 136 1.16 34.61 6.29
CA HIS B 136 0.36 34.31 7.47
C HIS B 136 1.24 33.93 8.67
N GLN B 137 2.39 33.31 8.39
CA GLN B 137 3.30 32.93 9.48
C GLN B 137 4.09 34.13 10.01
N ILE B 138 4.52 35.01 9.10
CA ILE B 138 5.20 36.22 9.56
C ILE B 138 4.20 37.13 10.29
N ASP B 139 2.94 37.12 9.88
CA ASP B 139 1.91 37.80 10.65
C ASP B 139 1.55 36.95 11.86
N SER B 140 2.57 36.52 12.60
CA SER B 140 2.40 35.62 13.73
C SER B 140 3.68 35.48 14.56
N GLU B 141 4.84 35.51 13.89
CA GLU B 141 6.10 35.45 14.63
C GLU B 141 6.30 36.79 15.37
N ARG B 142 5.77 37.85 14.76
CA ARG B 142 5.60 39.17 15.39
C ARG B 142 6.87 40.02 15.40
N LYS B 143 7.89 39.63 14.64
CA LYS B 143 9.11 40.39 14.68
C LYS B 143 8.92 41.84 14.14
N PHE B 144 8.06 42.10 13.13
CA PHE B 144 7.88 43.50 12.65
C PHE B 144 9.01 44.52 12.85
N GLY B 145 10.22 44.26 12.36
CA GLY B 145 10.51 43.21 11.40
C GLY B 145 11.48 43.91 10.49
N VAL B 146 12.29 43.17 9.72
CA VAL B 146 13.01 43.86 8.68
C VAL B 146 12.53 42.99 7.51
N LYS B 147 12.41 43.52 6.29
CA LYS B 147 11.42 42.93 5.38
C LYS B 147 11.96 42.23 4.13
N ASN B 148 11.07 41.49 3.46
CA ASN B 148 11.30 40.94 2.12
C ASN B 148 10.03 41.10 1.30
N ASN B 149 10.13 41.23 -0.02
CA ASN B 149 8.92 41.20 -0.85
C ASN B 149 8.53 39.77 -1.13
N ILE B 150 7.26 39.48 -0.88
CA ILE B 150 6.74 38.13 -1.03
C ILE B 150 6.12 38.09 -2.41
N VAL B 151 6.68 37.26 -3.28
CA VAL B 151 6.29 37.28 -4.68
C VAL B 151 5.62 35.98 -5.08
N ALA B 152 4.50 36.10 -5.77
CA ALA B 152 3.73 34.95 -6.21
C ALA B 152 4.02 34.64 -7.67
N LEU B 153 4.66 33.50 -7.90
CA LEU B 153 4.93 33.02 -9.25
C LEU B 153 4.23 31.69 -9.40
N LYS B 154 3.34 31.58 -10.39
CA LYS B 154 2.58 30.34 -10.55
C LYS B 154 3.37 29.35 -11.41
N ALA B 155 2.91 28.11 -11.44
CA ALA B 155 3.53 27.06 -12.23
C ALA B 155 3.38 27.35 -13.73
N GLY B 156 4.46 27.14 -14.48
CA GLY B 156 4.43 27.32 -15.91
C GLY B 156 4.99 28.66 -16.34
N GLU B 157 5.15 29.55 -15.37
CA GLU B 157 5.65 30.89 -15.65
C GLU B 157 7.11 31.04 -15.23
N THR B 158 7.78 32.05 -15.77
CA THR B 158 9.20 32.24 -15.56
C THR B 158 9.47 33.68 -15.11
N LEU B 159 10.48 33.87 -14.28
CA LEU B 159 10.76 35.19 -13.71
C LEU B 159 12.25 35.48 -13.83
N GLU B 160 12.58 36.54 -14.55
CA GLU B 160 13.98 36.95 -14.69
C GLU B 160 14.39 37.72 -13.44
N ILE B 161 15.51 37.34 -12.84
CA ILE B 161 15.87 37.99 -11.59
C ILE B 161 17.25 38.61 -11.75
N THR B 162 18.14 37.96 -12.50
CA THR B 162 19.43 38.59 -12.76
C THR B 162 20.01 38.30 -14.13
N LYS B 163 19.37 38.85 -15.17
CA LYS B 163 19.99 38.90 -16.49
C LYS B 163 20.29 37.49 -17.03
N ASP B 164 21.20 36.79 -16.37
CA ASP B 164 21.61 35.46 -16.79
C ASP B 164 20.91 34.41 -15.94
N ILE B 165 20.59 34.78 -14.72
CA ILE B 165 19.82 33.95 -13.80
C ILE B 165 18.33 34.18 -14.01
N THR B 166 17.60 33.13 -14.40
CA THR B 166 16.14 33.24 -14.53
C THR B 166 15.47 32.03 -13.87
N ILE B 167 14.37 32.26 -13.16
CA ILE B 167 13.73 31.21 -12.39
C ILE B 167 12.42 30.72 -12.99
N GLU B 168 12.32 29.40 -13.19
CA GLU B 168 11.11 28.80 -13.74
C GLU B 168 10.42 27.94 -12.70
N PHE B 169 9.09 27.95 -12.73
CA PHE B 169 8.28 27.08 -11.90
C PHE B 169 7.61 26.03 -12.77
N ILE B 170 7.83 24.75 -12.45
CA ILE B 170 7.23 23.66 -13.22
C ILE B 170 6.32 22.84 -12.32
N ASN B 171 5.06 22.68 -12.72
CA ASN B 171 4.04 22.08 -11.85
C ASN B 171 4.35 20.64 -11.46
N THR B 172 4.12 20.31 -10.20
CA THR B 172 4.20 18.90 -9.78
C THR B 172 3.18 18.60 -8.70
N GLN B 173 3.11 17.34 -8.28
CA GLN B 173 2.22 16.99 -7.18
C GLN B 173 3.01 16.56 -5.95
N HIS B 174 2.38 16.69 -4.79
CA HIS B 174 3.02 16.43 -3.51
C HIS B 174 1.95 16.45 -2.43
N SER B 175 2.30 16.07 -1.20
CA SER B 175 1.34 16.00 -0.10
C SER B 175 0.69 17.34 0.30
N ILE B 176 1.06 18.43 -0.37
CA ILE B 176 0.35 19.69 -0.19
C ILE B 176 0.03 20.27 -1.58
N ILE B 177 -1.06 21.01 -1.70
CA ILE B 177 -1.49 21.56 -2.98
C ILE B 177 -0.56 22.67 -3.47
N ASP B 178 -0.45 22.78 -4.79
CA ASP B 178 0.31 23.83 -5.45
C ASP B 178 1.78 23.74 -5.04
N THR B 179 2.46 22.74 -5.60
CA THR B 179 3.86 22.46 -5.32
C THR B 179 4.66 22.31 -6.62
N VAL B 180 5.91 22.71 -6.58
CA VAL B 180 6.60 23.00 -7.84
C VAL B 180 8.07 22.62 -7.91
N PHE B 181 8.49 22.12 -9.07
CA PHE B 181 9.89 22.01 -9.45
C PHE B 181 10.44 23.41 -9.68
N VAL B 182 11.66 23.69 -9.26
CA VAL B 182 12.24 24.99 -9.59
C VAL B 182 13.42 24.80 -10.53
N ALA B 183 13.43 25.56 -11.63
CA ALA B 183 14.51 25.47 -12.61
C ALA B 183 15.26 26.78 -12.72
N ILE B 184 16.53 26.77 -12.29
CA ILE B 184 17.38 27.95 -12.31
C ILE B 184 18.20 27.98 -13.59
N HIS B 185 17.73 28.76 -14.55
CA HIS B 185 18.38 28.90 -15.84
C HIS B 185 19.59 29.83 -15.77
N THR B 186 20.69 29.34 -16.33
CA THR B 186 21.99 30.01 -16.36
C THR B 186 22.52 30.00 -17.80
N PRO B 187 23.53 30.84 -18.11
CA PRO B 187 24.09 30.89 -19.47
C PRO B 187 24.51 29.54 -20.03
N SER B 188 24.86 28.61 -19.15
CA SER B 188 25.33 27.30 -19.57
C SER B 188 24.34 26.17 -19.27
N GLY B 189 23.15 26.51 -18.80
CA GLY B 189 22.14 25.49 -18.57
C GLY B 189 21.30 25.62 -17.32
N ALA B 190 20.42 24.64 -17.09
CA ALA B 190 19.48 24.68 -15.99
C ALA B 190 19.93 23.88 -14.76
N VAL B 191 19.62 24.41 -13.59
CA VAL B 191 19.84 23.73 -12.32
C VAL B 191 18.47 23.44 -11.75
N VAL B 192 18.09 22.17 -11.66
CA VAL B 192 16.74 21.85 -11.24
C VAL B 192 16.74 21.37 -9.80
N TYR B 193 15.85 21.95 -9.00
CA TYR B 193 15.69 21.54 -7.61
C TYR B 193 14.30 20.98 -7.47
N ALA B 194 14.25 19.74 -6.99
CA ALA B 194 13.01 18.97 -6.93
C ALA B 194 12.91 18.22 -5.62
N CYS B 195 12.94 18.95 -4.51
CA CYS B 195 12.71 18.32 -3.22
C CYS B 195 11.22 18.38 -2.92
N ASP B 196 10.73 17.27 -2.40
CA ASP B 196 9.29 17.01 -2.25
C ASP B 196 8.58 17.07 -3.60
N PHE B 197 8.56 15.94 -4.28
CA PHE B 197 7.69 15.79 -5.45
C PHE B 197 7.11 14.39 -5.54
N LYS B 198 6.31 14.17 -6.58
CA LYS B 198 5.66 12.89 -6.81
C LYS B 198 4.94 12.92 -8.16
N PHE B 199 5.14 11.89 -8.97
CA PHE B 199 4.51 11.81 -10.29
C PHE B 199 3.10 11.24 -10.23
N ASP B 200 2.16 12.03 -9.72
CA ASP B 200 0.77 11.59 -9.65
C ASP B 200 0.04 11.91 -10.95
N ARG B 201 -0.25 10.86 -11.74
CA ARG B 201 -0.87 11.05 -13.03
C ARG B 201 -2.40 11.12 -12.94
N THR B 202 -2.93 10.83 -11.75
CA THR B 202 -4.37 10.93 -11.52
C THR B 202 -4.69 11.57 -10.17
N PRO B 203 -4.33 12.85 -10.00
CA PRO B 203 -4.54 13.46 -8.69
C PRO B 203 -6.00 13.79 -8.43
N THR B 204 -6.35 14.03 -7.17
CA THR B 204 -7.69 14.48 -6.81
C THR B 204 -7.76 15.99 -6.97
N LEU B 205 -6.64 16.66 -6.74
CA LEU B 205 -6.54 18.11 -6.85
C LEU B 205 -5.27 18.52 -7.60
N GLY B 206 -5.25 19.76 -8.07
CA GLY B 206 -4.11 20.23 -8.83
C GLY B 206 -4.02 19.67 -10.25
N GLU B 207 -2.89 19.94 -10.88
CA GLU B 207 -2.66 19.56 -12.27
C GLU B 207 -1.69 18.40 -12.32
N VAL B 208 -1.75 17.59 -13.37
CA VAL B 208 -0.84 16.47 -13.50
C VAL B 208 0.54 17.10 -13.73
N PRO B 209 1.61 16.52 -13.16
CA PRO B 209 2.94 17.13 -13.34
C PRO B 209 3.30 17.36 -14.81
N ASP B 210 4.03 18.45 -15.06
CA ASP B 210 4.32 18.89 -16.42
C ASP B 210 5.43 18.07 -17.07
N PHE B 211 5.09 16.88 -17.53
CA PHE B 211 6.08 15.97 -18.13
C PHE B 211 6.74 16.56 -19.37
N ASP B 212 5.93 17.05 -20.31
CA ASP B 212 6.43 17.58 -21.57
C ASP B 212 7.50 18.66 -21.38
N ARG B 213 7.26 19.57 -20.44
CA ARG B 213 8.23 20.62 -20.12
C ARG B 213 9.50 20.01 -19.57
N LEU B 214 9.37 18.94 -18.80
CA LEU B 214 10.51 18.27 -18.21
C LEU B 214 11.37 17.65 -19.30
N LYS B 215 10.72 17.09 -20.32
CA LYS B 215 11.43 16.50 -21.44
C LYS B 215 12.14 17.58 -22.26
N GLU B 216 11.41 18.66 -22.55
CA GLU B 216 11.97 19.79 -23.29
C GLU B 216 13.22 20.32 -22.61
N LEU B 217 13.07 20.62 -21.32
CA LEU B 217 14.14 21.17 -20.49
C LEU B 217 15.27 20.17 -20.33
N GLY B 218 14.92 18.89 -20.39
CA GLY B 218 15.92 17.84 -20.41
C GLY B 218 16.81 17.93 -21.63
N LYS B 219 16.19 18.15 -22.77
CA LYS B 219 16.92 18.24 -24.03
C LYS B 219 17.63 19.60 -24.20
N GLU B 220 17.18 20.61 -23.46
CA GLU B 220 17.83 21.92 -23.50
C GLU B 220 19.21 21.90 -22.84
N GLY B 221 19.33 21.13 -21.76
CA GLY B 221 20.59 21.03 -21.04
C GLY B 221 20.48 21.32 -19.56
N VAL B 222 20.51 20.26 -18.75
CA VAL B 222 20.47 20.39 -17.30
C VAL B 222 21.85 20.12 -16.74
N ILE B 223 22.43 21.11 -16.06
CA ILE B 223 23.77 20.93 -15.50
C ILE B 223 23.70 20.13 -14.21
N ALA B 224 22.68 20.36 -13.39
CA ALA B 224 22.57 19.66 -12.12
C ALA B 224 21.12 19.36 -11.74
N LEU B 225 20.91 18.23 -11.08
CA LEU B 225 19.61 17.89 -10.50
C LEU B 225 19.74 17.69 -9.01
N ILE B 226 19.00 18.47 -8.23
CA ILE B 226 18.99 18.30 -6.78
C ILE B 226 17.62 17.77 -6.39
N THR B 227 17.57 16.58 -5.82
CA THR B 227 16.27 15.95 -5.60
C THR B 227 16.16 15.12 -4.34
N GLU B 228 14.94 14.95 -3.85
CA GLU B 228 14.71 14.28 -2.57
C GLU B 228 15.06 12.80 -2.71
N SER B 229 15.49 12.19 -1.61
CA SER B 229 15.74 10.76 -1.62
C SER B 229 14.90 10.03 -0.57
N THR B 230 13.85 10.70 -0.10
CA THR B 230 13.00 10.20 0.97
C THR B 230 12.54 8.75 0.77
N ASN B 231 12.03 8.47 -0.42
CA ASN B 231 11.47 7.15 -0.70
C ASN B 231 12.21 6.50 -1.87
N ALA B 232 13.48 6.83 -2.04
CA ALA B 232 14.24 6.32 -3.17
C ALA B 232 14.53 4.85 -2.93
N GLY B 233 14.55 4.47 -1.66
CA GLY B 233 14.71 3.09 -1.27
C GLY B 233 13.47 2.27 -1.48
N ARG B 234 12.30 2.93 -1.47
CA ARG B 234 11.06 2.21 -1.67
C ARG B 234 10.97 1.76 -3.12
N ASN B 235 10.60 0.49 -3.30
CA ASN B 235 10.64 -0.13 -4.61
C ASN B 235 9.41 0.27 -5.42
N GLY B 236 9.55 0.28 -6.74
CA GLY B 236 8.43 0.54 -7.62
C GLY B 236 8.09 2.01 -7.79
N LYS B 237 6.81 2.29 -8.03
CA LYS B 237 6.35 3.64 -8.26
C LYS B 237 5.28 4.06 -7.24
N THR B 238 5.32 5.33 -6.84
CA THR B 238 4.40 5.86 -5.84
C THR B 238 2.93 5.75 -6.25
N PRO B 239 2.10 5.20 -5.37
CA PRO B 239 0.64 5.15 -5.57
C PRO B 239 0.04 6.53 -5.74
N SER B 240 -0.95 6.66 -6.62
CA SER B 240 -1.62 7.94 -6.83
C SER B 240 -2.40 8.34 -5.58
N GLU B 241 -2.69 9.63 -5.44
CA GLU B 241 -3.53 10.11 -4.34
C GLU B 241 -4.94 9.54 -4.49
N LEU B 242 -5.31 9.21 -5.72
CA LEU B 242 -6.59 8.60 -6.03
C LEU B 242 -6.78 7.31 -5.23
N ILE B 243 -5.68 6.61 -4.96
CA ILE B 243 -5.71 5.41 -4.14
C ILE B 243 -6.15 5.74 -2.72
N ALA B 244 -5.57 6.79 -2.15
CA ALA B 244 -5.96 7.23 -0.82
C ALA B 244 -7.44 7.62 -0.81
N HIS B 245 -7.86 8.30 -1.86
CA HIS B 245 -9.27 8.66 -2.03
C HIS B 245 -10.18 7.44 -2.01
N MET B 246 -9.82 6.43 -2.81
CA MET B 246 -10.63 5.22 -2.93
C MET B 246 -10.66 4.41 -1.64
N MET B 247 -9.53 4.35 -0.93
CA MET B 247 -9.52 3.64 0.34
C MET B 247 -10.38 4.36 1.37
N LEU B 248 -10.27 5.69 1.44
CA LEU B 248 -11.07 6.45 2.39
C LEU B 248 -12.56 6.30 2.10
N LYS B 249 -12.88 6.36 0.82
CA LYS B 249 -14.23 6.10 0.32
C LYS B 249 -14.67 4.73 0.81
N ASP B 250 -13.77 3.76 0.72
CA ASP B 250 -14.04 2.39 1.14
C ASP B 250 -14.35 2.27 2.65
N VAL B 251 -13.60 2.96 3.50
CA VAL B 251 -13.81 2.78 4.95
C VAL B 251 -14.96 3.63 5.48
N LEU B 252 -15.14 4.83 4.95
CA LEU B 252 -16.23 5.69 5.42
C LEU B 252 -17.60 5.19 4.98
N LEU B 253 -17.74 4.81 3.71
CA LEU B 253 -19.06 4.42 3.19
C LEU B 253 -19.29 2.93 3.34
N GLY B 254 -18.25 2.15 3.05
CA GLY B 254 -18.34 0.70 3.10
C GLY B 254 -18.29 0.17 4.52
N THR B 255 -19.42 0.26 5.23
CA THR B 255 -19.50 -0.22 6.60
C THR B 255 -20.90 -0.75 6.94
N GLU B 256 -20.96 -1.89 7.64
CA GLU B 256 -22.23 -2.47 8.04
C GLU B 256 -22.57 -2.16 9.50
N GLU B 257 -21.83 -1.22 10.08
CA GLU B 257 -22.12 -0.66 11.39
C GLU B 257 -22.15 0.84 11.16
N SER B 258 -23.24 1.31 10.55
CA SER B 258 -23.27 2.61 9.89
C SER B 258 -23.32 3.85 10.79
N ALA B 259 -24.21 3.85 11.79
CA ALA B 259 -24.45 5.05 12.58
C ALA B 259 -23.74 4.98 13.92
N VAL B 260 -22.41 5.13 13.89
CA VAL B 260 -21.60 4.96 15.09
C VAL B 260 -21.08 6.26 15.67
N GLY B 261 -20.53 7.12 14.82
CA GLY B 261 -19.80 8.29 15.28
C GLY B 261 -18.34 8.12 14.91
N MET B 262 -17.90 8.87 13.91
CA MET B 262 -16.59 8.65 13.32
C MET B 262 -15.75 9.93 13.30
N ILE B 263 -14.52 9.80 13.75
CA ILE B 263 -13.57 10.91 13.74
C ILE B 263 -12.49 10.60 12.73
N VAL B 264 -12.17 11.56 11.88
CA VAL B 264 -11.11 11.37 10.90
C VAL B 264 -9.97 12.34 11.21
N THR B 265 -8.75 11.85 11.26
CA THR B 265 -7.60 12.72 11.52
C THR B 265 -6.58 12.67 10.37
N THR B 266 -6.02 13.82 10.02
CA THR B 266 -5.06 13.86 8.93
C THR B 266 -4.15 15.10 9.00
N PHE B 267 -3.21 15.19 8.05
CA PHE B 267 -2.37 16.38 7.93
C PHE B 267 -3.23 17.58 7.54
N ALA B 268 -3.10 18.67 8.30
CA ALA B 268 -3.84 19.89 8.03
C ALA B 268 -3.46 20.46 6.67
N SER B 269 -2.24 20.15 6.21
CA SER B 269 -1.74 20.70 4.97
C SER B 269 -2.26 19.93 3.76
N HIS B 270 -2.68 18.69 3.98
CA HIS B 270 -3.06 17.83 2.87
C HIS B 270 -4.43 18.19 2.32
N ILE B 271 -4.58 19.43 1.88
CA ILE B 271 -5.82 19.97 1.29
C ILE B 271 -6.59 18.99 0.40
N ALA B 272 -5.88 18.22 -0.43
CA ALA B 272 -6.53 17.25 -1.30
C ALA B 272 -7.29 16.19 -0.52
N ARG B 273 -6.64 15.65 0.52
CA ARG B 273 -7.26 14.61 1.33
C ARG B 273 -8.47 15.13 2.09
N VAL B 274 -8.36 16.31 2.70
CA VAL B 274 -9.48 16.88 3.45
C VAL B 274 -10.63 17.19 2.49
N ASN B 275 -10.29 17.62 1.27
CA ASN B 275 -11.31 17.89 0.26
C ASN B 275 -12.08 16.61 -0.07
N SER B 276 -11.33 15.52 -0.27
CA SER B 276 -11.94 14.21 -0.45
C SER B 276 -12.88 13.89 0.72
N ILE B 277 -12.40 14.16 1.93
CA ILE B 277 -13.17 13.84 3.14
C ILE B 277 -14.47 14.62 3.21
N VAL B 278 -14.43 15.93 2.96
CA VAL B 278 -15.65 16.73 3.05
C VAL B 278 -16.59 16.32 1.93
N GLN B 279 -16.04 15.93 0.78
CA GLN B 279 -16.85 15.33 -0.27
C GLN B 279 -17.60 14.12 0.28
N PHE B 280 -16.89 13.31 1.07
CA PHE B 280 -17.46 12.10 1.62
C PHE B 280 -18.54 12.39 2.67
N ALA B 281 -18.27 13.32 3.56
CA ALA B 281 -19.25 13.76 4.57
C ALA B 281 -20.50 14.27 3.87
N GLN B 282 -20.29 14.96 2.75
CA GLN B 282 -21.38 15.48 1.94
C GLN B 282 -22.10 14.28 1.31
N GLU B 283 -21.35 13.20 1.12
CA GLU B 283 -21.86 11.97 0.52
C GLU B 283 -22.55 11.06 1.54
N MET B 284 -22.14 11.14 2.82
CA MET B 284 -22.72 10.27 3.84
C MET B 284 -23.69 11.00 4.75
N GLY B 285 -24.03 12.24 4.41
CA GLY B 285 -25.02 12.99 5.15
C GLY B 285 -24.60 13.35 6.57
N ARG B 286 -23.31 13.57 6.76
CA ARG B 286 -22.81 14.10 8.03
C ARG B 286 -22.34 15.53 7.76
N ILE B 287 -22.27 16.36 8.79
CA ILE B 287 -21.86 17.74 8.54
C ILE B 287 -20.35 17.75 8.80
N PRO B 288 -19.56 18.15 7.80
CA PRO B 288 -18.10 18.15 7.97
C PRO B 288 -17.65 19.28 8.89
N VAL B 289 -17.05 18.94 10.02
CA VAL B 289 -16.55 19.97 10.92
C VAL B 289 -15.04 19.80 11.11
N LEU B 290 -14.31 20.89 10.94
CA LEU B 290 -12.85 20.87 10.97
C LEU B 290 -12.30 21.56 12.22
N LEU B 291 -11.45 20.87 12.94
CA LEU B 291 -10.94 21.36 14.22
C LEU B 291 -9.43 21.54 14.26
N GLY B 292 -9.00 22.56 15.00
CA GLY B 292 -7.60 22.88 15.16
C GLY B 292 -7.25 24.18 14.47
N ARG B 293 -6.38 24.96 15.11
CA ARG B 293 -5.95 26.25 14.56
C ARG B 293 -5.24 25.97 13.24
N SER B 294 -4.48 24.87 13.24
CA SER B 294 -3.73 24.40 12.08
C SER B 294 -4.59 24.21 10.83
N MET B 295 -5.68 23.45 10.93
CA MET B 295 -6.55 23.34 9.77
C MET B 295 -7.16 24.66 9.34
N GLU B 296 -7.73 25.45 10.26
CA GLU B 296 -8.30 26.74 9.87
C GLU B 296 -7.26 27.50 9.06
N ARG B 297 -6.00 27.41 9.51
CA ARG B 297 -4.85 27.99 8.82
C ARG B 297 -4.84 27.53 7.36
N TYR B 298 -4.57 26.23 7.18
CA TYR B 298 -4.37 25.66 5.85
C TYR B 298 -5.60 25.63 4.92
N VAL B 299 -6.68 24.99 5.36
CA VAL B 299 -7.85 24.82 4.52
C VAL B 299 -8.57 26.16 4.41
N GLY B 300 -8.46 26.99 5.44
CA GLY B 300 -9.03 28.32 5.37
C GLY B 300 -8.35 29.10 4.27
N THR B 301 -7.02 29.12 4.31
CA THR B 301 -6.24 29.79 3.28
C THR B 301 -6.55 29.23 1.90
N ALA B 302 -6.76 27.92 1.83
CA ALA B 302 -7.08 27.24 0.57
C ALA B 302 -8.42 27.67 0.00
N TYR B 303 -9.43 27.77 0.86
CA TYR B 303 -10.78 28.10 0.43
C TYR B 303 -10.89 29.57 0.07
N GLN B 304 -10.24 30.42 0.87
CA GLN B 304 -10.24 31.86 0.63
C GLN B 304 -9.62 32.20 -0.72
N LEU B 305 -8.65 31.39 -1.14
CA LEU B 305 -7.87 31.72 -2.32
C LEU B 305 -8.46 30.86 -3.44
N GLY B 306 -9.52 30.12 -3.10
CA GLY B 306 -10.30 29.37 -4.05
C GLY B 306 -9.72 28.08 -4.62
N TYR B 307 -8.77 27.47 -3.92
CA TYR B 307 -8.24 26.18 -4.36
C TYR B 307 -9.18 25.02 -4.05
N ILE B 308 -10.00 25.16 -3.02
CA ILE B 308 -11.00 24.13 -2.78
C ILE B 308 -12.36 24.74 -2.62
N ASP B 309 -13.34 23.96 -3.04
CA ASP B 309 -14.70 24.37 -2.99
C ASP B 309 -15.27 23.78 -1.69
N LEU B 310 -16.10 24.53 -0.95
CA LEU B 310 -16.68 23.95 0.27
C LEU B 310 -18.19 24.05 0.34
N PRO B 311 -18.83 22.94 0.77
CA PRO B 311 -20.25 23.11 1.03
C PRO B 311 -20.41 24.00 2.24
N GLU B 312 -21.48 24.79 2.22
CA GLU B 312 -21.80 25.71 3.29
C GLU B 312 -22.19 25.01 4.53
N ASN B 313 -22.23 23.66 4.50
CA ASN B 313 -22.53 22.82 5.67
C ASN B 313 -21.36 22.88 6.65
N VAL B 314 -20.17 23.10 6.08
CA VAL B 314 -18.88 23.10 6.79
C VAL B 314 -18.83 24.07 7.95
N GLU B 315 -18.13 23.66 9.00
CA GLU B 315 -17.82 24.52 10.12
C GLU B 315 -16.32 24.41 10.42
N ILE B 316 -15.65 25.54 10.58
CA ILE B 316 -14.21 25.51 10.83
C ILE B 316 -13.89 26.32 12.08
N TYR B 317 -13.24 25.68 13.04
CA TYR B 317 -12.98 26.24 14.35
C TYR B 317 -11.53 26.05 14.76
N GLY B 318 -10.90 27.14 15.20
CA GLY B 318 -9.48 27.14 15.47
C GLY B 318 -9.10 27.22 16.94
N SER B 319 -9.78 28.08 17.68
CA SER B 319 -9.48 28.26 19.10
C SER B 319 -10.19 27.21 19.95
N ARG B 320 -9.68 27.01 21.17
CA ARG B 320 -10.24 25.99 22.06
C ARG B 320 -11.71 26.18 22.39
N ARG B 321 -12.16 27.43 22.50
CA ARG B 321 -13.55 27.68 22.89
C ARG B 321 -14.52 27.27 21.78
N ASP B 322 -14.23 27.70 20.55
CA ASP B 322 -15.04 27.31 19.39
C ASP B 322 -15.06 25.80 19.25
N ILE B 323 -13.89 25.18 19.38
CA ILE B 323 -13.77 23.74 19.19
C ILE B 323 -14.54 22.99 20.27
N ASP B 324 -14.24 23.26 21.55
CA ASP B 324 -14.88 22.55 22.66
C ASP B 324 -16.41 22.74 22.66
N ASN B 325 -16.90 23.94 22.35
CA ASN B 325 -18.34 24.10 22.12
C ASN B 325 -18.97 23.47 20.92
N ALA B 326 -18.35 23.53 19.75
CA ALA B 326 -18.86 22.80 18.58
C ALA B 326 -18.90 21.29 18.88
N LEU B 327 -18.02 20.90 19.77
CA LEU B 327 -17.83 19.51 20.10
C LEU B 327 -18.85 19.12 21.21
N LYS B 328 -19.24 20.11 22.04
CA LYS B 328 -20.50 20.00 22.79
C LYS B 328 -21.72 19.88 21.87
N LYS B 329 -21.79 20.79 20.90
CA LYS B 329 -22.80 20.76 19.88
C LYS B 329 -22.95 19.34 19.39
N ILE B 330 -21.84 18.74 18.95
CA ILE B 330 -21.90 17.45 18.24
C ILE B 330 -22.20 16.28 19.20
N MET B 331 -21.71 16.36 20.43
CA MET B 331 -21.97 15.32 21.43
C MET B 331 -23.44 15.28 21.84
N GLU B 332 -23.97 16.43 22.22
CA GLU B 332 -25.31 16.52 22.77
C GLU B 332 -26.36 16.35 21.68
N ALA B 333 -26.00 16.69 20.44
CA ALA B 333 -26.94 16.54 19.33
C ALA B 333 -26.89 15.16 18.69
N GLY B 334 -25.77 14.47 18.85
CA GLY B 334 -25.62 13.14 18.27
C GLY B 334 -24.47 13.05 17.28
N LYS B 335 -23.53 12.17 17.56
CA LYS B 335 -22.36 11.97 16.71
C LYS B 335 -22.75 11.43 15.32
N ASP B 336 -23.87 10.71 15.25
CA ASP B 336 -24.33 10.02 14.04
C ASP B 336 -24.46 10.87 12.76
N LYS B 337 -24.76 12.14 12.91
CA LYS B 337 -24.97 13.04 11.77
C LYS B 337 -23.86 14.09 11.65
N TYR B 338 -22.64 13.69 12.04
CA TYR B 338 -21.43 14.55 12.04
C TYR B 338 -20.11 13.80 11.64
N LEU B 339 -19.19 14.53 11.02
CA LEU B 339 -17.88 13.99 10.72
C LEU B 339 -16.76 14.97 11.05
N PRO B 340 -16.27 14.93 12.30
CA PRO B 340 -15.12 15.77 12.69
C PRO B 340 -13.82 15.37 12.03
N VAL B 341 -13.18 16.31 11.36
CA VAL B 341 -11.86 16.08 10.78
C VAL B 341 -10.83 16.93 11.51
N MET B 342 -9.76 16.30 11.97
CA MET B 342 -8.89 16.90 12.98
C MET B 342 -7.40 16.65 12.79
N THR B 343 -6.64 17.32 13.65
CA THR B 343 -5.19 17.13 13.75
C THR B 343 -4.96 16.24 14.97
N GLY B 344 -3.75 15.73 15.11
CA GLY B 344 -3.41 14.93 16.28
C GLY B 344 -3.07 13.49 15.93
N HIS B 345 -2.85 13.26 14.64
CA HIS B 345 -2.61 11.92 14.12
C HIS B 345 -1.28 11.34 14.57
N GLN B 346 -0.36 12.20 15.01
CA GLN B 346 0.91 11.72 15.54
C GLN B 346 0.88 11.68 17.05
N GLY B 347 -0.32 11.81 17.61
CA GLY B 347 -0.49 11.75 19.04
C GLY B 347 0.06 12.97 19.74
N GLU B 348 -0.01 14.12 19.08
CA GLU B 348 0.44 15.37 19.67
C GLU B 348 -0.43 15.71 20.88
N PRO B 349 0.19 15.78 22.06
CA PRO B 349 -0.57 16.24 23.23
C PRO B 349 -0.82 17.74 23.13
N GLY B 350 -2.08 18.15 23.22
CA GLY B 350 -2.44 19.53 22.99
C GLY B 350 -3.16 19.68 21.65
N ALA B 351 -2.87 18.76 20.74
CA ALA B 351 -3.67 18.65 19.53
C ALA B 351 -5.03 18.13 19.95
N VAL B 352 -6.07 18.49 19.20
CA VAL B 352 -7.44 18.25 19.63
C VAL B 352 -7.70 16.77 19.91
N LEU B 353 -7.14 15.88 19.10
CA LEU B 353 -7.40 14.45 19.29
C LEU B 353 -6.77 13.87 20.54
N GLY B 354 -5.55 14.30 20.86
CA GLY B 354 -4.89 13.75 22.05
C GLY B 354 -5.61 14.12 23.32
N ARG B 355 -6.10 15.35 23.37
CA ARG B 355 -6.83 15.82 24.53
C ARG B 355 -8.24 15.23 24.55
N ILE B 356 -8.80 14.93 23.37
CA ILE B 356 -10.05 14.18 23.33
C ILE B 356 -9.81 12.79 23.93
N ALA B 357 -8.64 12.22 23.64
CA ALA B 357 -8.28 10.92 24.16
C ALA B 357 -8.06 10.98 25.67
N ASN B 358 -7.65 12.15 26.16
CA ASN B 358 -7.46 12.34 27.59
C ASN B 358 -8.75 12.81 28.27
N GLY B 359 -9.77 13.08 27.47
CA GLY B 359 -11.05 13.50 28.02
C GLY B 359 -11.04 14.94 28.52
N GLU B 360 -10.02 15.70 28.13
CA GLU B 360 -9.93 17.11 28.47
C GLU B 360 -10.84 17.91 27.55
N THR B 361 -11.99 17.32 27.23
CA THR B 361 -12.86 17.87 26.22
C THR B 361 -14.27 17.37 26.49
N PRO B 362 -15.28 18.11 26.02
CA PRO B 362 -16.68 17.64 26.11
C PRO B 362 -16.90 16.30 25.41
N PHE B 363 -16.21 16.06 24.30
CA PHE B 363 -16.35 14.83 23.53
C PHE B 363 -15.89 13.65 24.35
N LYS B 364 -16.79 12.68 24.50
CA LYS B 364 -16.49 11.49 25.27
C LYS B 364 -16.68 10.33 24.33
N VAL B 365 -15.57 9.83 23.80
CA VAL B 365 -15.62 8.80 22.79
C VAL B 365 -16.09 7.53 23.47
N GLU B 366 -16.89 6.73 22.78
CA GLU B 366 -17.47 5.53 23.37
C GLU B 366 -17.19 4.29 22.55
N THR B 367 -17.57 3.14 23.10
CA THR B 367 -17.34 1.86 22.46
C THR B 367 -17.98 1.80 21.07
N GLY B 368 -17.22 1.31 20.10
CA GLY B 368 -17.71 1.21 18.73
C GLY B 368 -17.22 2.33 17.84
N ASP B 369 -16.99 3.50 18.44
CA ASP B 369 -16.56 4.69 17.71
C ASP B 369 -15.33 4.44 16.84
N ARG B 370 -15.34 5.01 15.64
CA ARG B 370 -14.29 4.77 14.67
C ARG B 370 -13.32 5.95 14.59
N ILE B 371 -12.04 5.68 14.80
CA ILE B 371 -11.01 6.69 14.64
C ILE B 371 -10.22 6.32 13.39
N ILE B 372 -10.23 7.22 12.43
CA ILE B 372 -9.67 6.96 11.11
C ILE B 372 -8.43 7.82 10.87
N PHE B 373 -7.26 7.19 10.89
CA PHE B 373 -6.02 7.90 10.68
C PHE B 373 -5.65 7.91 9.20
N SER B 374 -5.92 9.03 8.53
CA SER B 374 -5.47 9.18 7.15
C SER B 374 -4.08 9.81 7.13
N ALA B 375 -3.13 9.10 7.72
CA ALA B 375 -1.76 9.57 7.85
C ALA B 375 -0.86 8.40 8.22
N ASN B 376 0.41 8.47 7.87
CA ASN B 376 1.36 7.44 8.28
C ASN B 376 1.93 7.80 9.63
N VAL B 377 2.59 6.83 10.26
CA VAL B 377 3.35 7.11 11.47
C VAL B 377 4.75 7.55 11.06
N ILE B 378 5.12 8.76 11.45
CA ILE B 378 6.46 9.26 11.18
C ILE B 378 7.45 8.37 11.91
N PRO B 379 8.42 7.81 11.18
CA PRO B 379 9.32 6.77 11.72
C PRO B 379 10.32 7.26 12.78
N ASN B 380 9.86 8.05 13.75
CA ASN B 380 10.72 8.52 14.82
C ASN B 380 10.14 8.09 16.17
N PRO B 381 11.01 7.55 17.05
CA PRO B 381 10.62 7.01 18.36
C PRO B 381 9.69 7.93 19.18
N MET B 382 9.88 9.24 19.05
CA MET B 382 9.04 10.20 19.76
C MET B 382 7.58 10.11 19.33
N THR B 383 7.34 10.40 18.05
CA THR B 383 6.00 10.36 17.49
C THR B 383 5.40 8.95 17.51
N GLN B 384 6.25 7.92 17.45
CA GLN B 384 5.78 6.55 17.56
C GLN B 384 5.28 6.28 18.97
N ALA B 385 5.98 6.82 19.96
CA ALA B 385 5.55 6.70 21.35
C ALA B 385 4.25 7.45 21.59
N ASN B 386 4.21 8.72 21.19
CA ASN B 386 3.00 9.53 21.36
C ASN B 386 1.80 8.87 20.69
N ARG B 387 2.00 8.32 19.49
CA ARG B 387 0.89 7.71 18.79
C ARG B 387 0.51 6.38 19.44
N TYR B 388 1.49 5.70 20.02
CA TYR B 388 1.20 4.49 20.75
C TYR B 388 0.24 4.84 21.88
N ALA B 389 0.67 5.76 22.74
CA ALA B 389 -0.12 6.20 23.89
C ALA B 389 -1.53 6.63 23.47
N LEU B 390 -1.59 7.41 22.40
CA LEU B 390 -2.87 7.86 21.85
C LEU B 390 -3.77 6.66 21.54
N GLU B 391 -3.26 5.73 20.73
CA GLU B 391 -4.07 4.59 20.35
C GLU B 391 -4.48 3.72 21.54
N THR B 392 -3.64 3.59 22.55
CA THR B 392 -4.05 2.79 23.71
C THR B 392 -5.15 3.49 24.50
N LYS B 393 -5.05 4.80 24.68
CA LYS B 393 -6.13 5.53 25.34
C LYS B 393 -7.45 5.34 24.58
N LEU B 394 -7.36 5.49 23.26
CA LEU B 394 -8.55 5.35 22.42
C LEU B 394 -9.12 3.93 22.46
N LYS B 395 -8.26 2.92 22.44
CA LYS B 395 -8.71 1.53 22.46
C LYS B 395 -9.30 1.15 23.80
N MET B 396 -8.73 1.69 24.87
CA MET B 396 -9.22 1.40 26.21
C MET B 396 -10.57 2.05 26.41
N LYS B 397 -10.81 3.16 25.71
CA LYS B 397 -12.10 3.80 25.86
C LYS B 397 -13.05 3.21 24.78
N GLY B 398 -12.64 2.10 24.19
CA GLY B 398 -13.49 1.31 23.30
C GLY B 398 -13.48 1.60 21.81
N ALA B 399 -12.64 2.51 21.36
CA ALA B 399 -12.66 2.95 19.97
C ALA B 399 -12.16 1.87 19.01
N ARG B 400 -12.58 1.98 17.75
CA ARG B 400 -12.12 1.10 16.70
C ARG B 400 -11.24 1.86 15.72
N ILE B 401 -10.00 1.41 15.59
CA ILE B 401 -8.97 2.19 14.92
C ILE B 401 -8.66 1.68 13.52
N TYR B 402 -8.72 2.61 12.56
CA TYR B 402 -8.33 2.33 11.18
C TYR B 402 -7.02 3.06 10.92
N ASP B 403 -5.96 2.29 10.74
CA ASP B 403 -4.62 2.83 10.66
C ASP B 403 -4.18 3.05 9.22
N ASN B 404 -3.36 4.08 9.01
CA ASN B 404 -2.61 4.26 7.76
C ASN B 404 -3.51 4.20 6.51
N VAL B 405 -4.66 4.85 6.54
CA VAL B 405 -5.43 5.02 5.33
C VAL B 405 -4.78 6.16 4.56
N HIS B 406 -3.68 5.87 3.88
CA HIS B 406 -2.73 6.90 3.50
C HIS B 406 -1.90 6.46 2.29
N VAL B 407 -1.38 7.44 1.55
CA VAL B 407 -0.46 7.18 0.46
C VAL B 407 0.65 8.22 0.55
N SER B 408 1.89 7.78 0.43
CA SER B 408 3.03 8.70 0.55
C SER B 408 3.02 9.75 -0.55
N GLY B 409 3.32 10.98 -0.17
CA GLY B 409 3.38 12.07 -1.13
C GLY B 409 4.75 12.26 -1.75
N HIS B 410 5.65 11.31 -1.54
CA HIS B 410 7.01 11.37 -2.07
C HIS B 410 7.24 10.36 -3.19
N ALA B 411 8.23 10.63 -4.04
CA ALA B 411 8.50 9.79 -5.19
C ALA B 411 9.29 8.55 -4.82
N TYR B 412 9.02 7.46 -5.53
CA TYR B 412 9.71 6.19 -5.29
C TYR B 412 10.89 6.05 -6.26
N ARG B 413 11.51 4.87 -6.25
CA ARG B 413 12.67 4.57 -7.07
C ARG B 413 12.43 4.77 -8.57
N GLU B 414 11.29 4.28 -9.05
CA GLU B 414 11.04 4.29 -10.49
C GLU B 414 10.62 5.67 -10.97
N ASP B 415 9.95 6.42 -10.11
CA ASP B 415 9.61 7.80 -10.41
C ASP B 415 10.89 8.60 -10.55
N HIS B 416 11.85 8.37 -9.66
CA HIS B 416 13.16 8.99 -9.77
C HIS B 416 13.87 8.55 -11.05
N TRP B 417 13.74 7.27 -11.37
CA TRP B 417 14.31 6.72 -12.59
C TRP B 417 13.88 7.53 -13.81
N GLU B 418 12.57 7.65 -13.98
CA GLU B 418 12.07 8.40 -15.12
C GLU B 418 12.37 9.91 -15.02
N LEU B 419 12.49 10.43 -13.81
CA LEU B 419 12.89 11.83 -13.65
C LEU B 419 14.29 12.05 -14.22
N LEU B 420 15.22 11.17 -13.86
CA LEU B 420 16.56 11.19 -14.45
C LEU B 420 16.53 11.00 -15.95
N ARG B 421 15.58 10.20 -16.42
CA ARG B 421 15.55 9.90 -17.85
C ARG B 421 14.90 11.02 -18.66
N MET B 422 14.20 11.92 -17.98
CA MET B 422 13.61 13.06 -18.68
C MET B 422 14.53 14.28 -18.62
N LEU B 423 15.13 14.51 -17.45
CA LEU B 423 15.97 15.69 -17.27
C LEU B 423 17.38 15.46 -17.79
N LYS B 424 17.82 14.20 -17.78
CA LYS B 424 19.18 13.82 -18.16
C LYS B 424 20.22 14.79 -17.61
N PRO B 425 20.25 14.99 -16.29
CA PRO B 425 21.16 15.98 -15.72
C PRO B 425 22.61 15.56 -15.81
N GLU B 426 23.51 16.53 -15.94
CA GLU B 426 24.93 16.25 -16.01
C GLU B 426 25.48 15.88 -14.64
N HIS B 427 24.89 16.44 -13.59
CA HIS B 427 25.23 16.01 -12.23
C HIS B 427 23.96 15.69 -11.43
N VAL B 428 24.11 14.85 -10.42
CA VAL B 428 22.99 14.51 -9.56
C VAL B 428 23.39 14.64 -8.09
N ILE B 429 22.51 15.28 -7.32
CA ILE B 429 22.71 15.49 -5.89
C ILE B 429 21.43 15.14 -5.13
N PRO B 430 21.49 14.04 -4.37
CA PRO B 430 20.41 13.72 -3.44
C PRO B 430 20.41 14.70 -2.27
N ALA B 431 19.23 15.20 -1.93
CA ALA B 431 19.04 16.06 -0.77
C ALA B 431 17.83 15.55 -0.01
N HIS B 432 17.48 16.24 1.07
CA HIS B 432 16.22 15.99 1.76
C HIS B 432 16.14 14.56 2.27
N GLY B 433 17.04 14.18 3.16
CA GLY B 433 17.04 12.85 3.74
C GLY B 433 18.27 12.53 4.58
N THR B 434 18.34 11.30 5.07
CA THR B 434 19.53 10.83 5.79
C THR B 434 20.53 10.24 4.81
N ILE B 435 21.76 10.01 5.27
CA ILE B 435 22.79 9.40 4.46
C ILE B 435 22.39 8.03 3.91
N GLN B 436 21.54 7.30 4.63
CA GLN B 436 21.06 6.00 4.12
C GLN B 436 20.05 6.16 2.98
N MET B 437 19.14 7.11 3.11
CA MET B 437 18.21 7.43 2.03
C MET B 437 19.02 7.82 0.79
N HIS B 438 20.02 8.66 1.01
CA HIS B 438 20.93 9.09 -0.04
C HIS B 438 21.67 7.91 -0.65
N SER B 439 22.04 6.93 0.18
CA SER B 439 22.68 5.71 -0.31
C SER B 439 21.79 4.93 -1.27
N GLU B 440 20.52 4.80 -0.92
CA GLU B 440 19.58 4.12 -1.82
C GLU B 440 19.48 4.89 -3.13
N TYR B 441 19.36 6.20 -3.01
CA TYR B 441 19.27 7.01 -4.22
C TYR B 441 20.51 6.82 -5.09
N ILE B 442 21.67 6.83 -4.46
CA ILE B 442 22.94 6.59 -5.12
C ILE B 442 22.94 5.29 -5.90
N GLN B 443 22.52 4.20 -5.29
CA GLN B 443 22.45 2.93 -6.02
C GLN B 443 21.53 3.06 -7.25
N MET B 444 20.41 3.74 -7.07
CA MET B 444 19.49 3.93 -8.20
C MET B 444 20.13 4.71 -9.35
N ALA B 445 20.83 5.78 -9.03
CA ALA B 445 21.46 6.60 -10.05
C ALA B 445 22.65 5.89 -10.68
N GLU B 446 23.34 5.07 -9.89
CA GLU B 446 24.42 4.23 -10.40
C GLU B 446 23.90 3.30 -11.47
N ASP B 447 22.67 2.80 -11.30
CA ASP B 447 22.05 2.07 -12.41
C ASP B 447 21.87 2.94 -13.65
N ALA B 448 21.76 4.25 -13.46
CA ALA B 448 21.46 5.16 -14.56
C ALA B 448 22.69 5.65 -15.30
N GLY B 449 23.86 5.18 -14.90
CA GLY B 449 25.09 5.53 -15.58
C GLY B 449 25.96 6.51 -14.82
N TYR B 450 25.50 6.91 -13.64
CA TYR B 450 26.19 7.93 -12.87
C TYR B 450 27.27 7.30 -11.98
N SER B 451 28.17 8.13 -11.48
CA SER B 451 29.32 7.66 -10.73
C SER B 451 29.59 8.55 -9.52
N LEU B 452 29.81 7.93 -8.36
CA LEU B 452 29.95 8.68 -7.11
C LEU B 452 31.26 9.44 -7.06
N GLY B 453 31.18 10.72 -6.70
CA GLY B 453 32.37 11.55 -6.60
C GLY B 453 32.80 12.10 -7.94
N ASP B 454 32.03 11.78 -8.97
CA ASP B 454 32.34 12.19 -10.34
C ASP B 454 31.15 12.89 -10.97
N THR B 455 30.05 12.15 -11.14
CA THR B 455 28.86 12.70 -11.78
C THR B 455 27.67 12.66 -10.81
N LEU B 456 27.88 12.01 -9.67
CA LEU B 456 26.90 12.03 -8.59
C LEU B 456 27.60 12.22 -7.25
N HIS B 457 27.09 13.14 -6.46
CA HIS B 457 27.82 13.63 -5.30
C HIS B 457 26.99 13.49 -4.03
N LEU B 458 27.63 12.94 -3.00
CA LEU B 458 26.99 12.81 -1.70
C LEU B 458 27.48 13.95 -0.83
N LEU B 459 26.59 14.90 -0.57
CA LEU B 459 26.96 16.05 0.22
C LEU B 459 26.39 15.94 1.61
N ARG B 460 27.07 16.55 2.57
CA ARG B 460 26.58 16.61 3.94
C ARG B 460 26.28 18.06 4.26
N ASN B 461 25.57 18.30 5.37
CA ASN B 461 25.24 19.66 5.79
C ASN B 461 26.48 20.52 5.98
N GLY B 462 26.48 21.67 5.31
CA GLY B 462 27.56 22.62 5.44
C GLY B 462 28.57 22.45 4.34
N GLU B 463 28.26 21.61 3.36
CA GLU B 463 29.27 21.32 2.33
C GLU B 463 28.94 21.89 0.97
N GLU B 464 29.98 22.28 0.26
CA GLU B 464 29.84 22.88 -1.06
C GLU B 464 30.52 22.07 -2.14
N LEU B 465 29.82 21.78 -3.23
CA LEU B 465 30.53 21.15 -4.33
C LEU B 465 30.58 22.16 -5.46
N TYR B 466 31.77 22.31 -6.04
CA TYR B 466 31.92 23.22 -7.16
C TYR B 466 31.84 22.40 -8.43
N ILE B 467 31.01 22.85 -9.36
CA ILE B 467 30.98 22.32 -10.71
C ILE B 467 31.50 23.42 -11.61
N GLU B 468 32.50 23.09 -12.40
CA GLU B 468 33.13 24.06 -13.27
C GLU B 468 32.67 23.78 -14.68
N GLU B 469 31.72 24.55 -15.19
CA GLU B 469 31.15 24.22 -16.50
C GLU B 469 31.36 25.28 -17.57
N ASP B 470 31.84 24.81 -18.72
CA ASP B 470 32.04 25.65 -19.87
C ASP B 470 31.12 25.20 -21.01
ZN ZN C . -6.03 -20.01 2.16
ZN ZN D . -7.21 -19.08 -0.11
S SO4 E . -2.36 -12.52 0.68
O1 SO4 E . -3.67 -12.72 0.06
O2 SO4 E . -1.42 -13.52 0.18
O3 SO4 E . -1.86 -11.19 0.35
O4 SO4 E . -2.46 -12.61 2.12
S SO4 F . -0.44 -19.39 -9.22
O1 SO4 F . 0.46 -20.24 -9.98
O2 SO4 F . 0.31 -18.72 -8.16
O3 SO4 F . -1.03 -18.38 -10.11
O4 SO4 F . -1.50 -20.19 -8.63
S SO4 G . 3.88 -23.17 -14.58
O1 SO4 G . 2.56 -23.06 -13.98
O2 SO4 G . 3.77 -23.67 -15.95
O3 SO4 G . 4.53 -21.87 -14.61
O4 SO4 G . 4.70 -24.09 -13.81
S SO4 H . 4.93 -29.44 -21.80
O1 SO4 H . 4.18 -30.68 -22.00
O2 SO4 H . 6.28 -29.61 -22.35
O3 SO4 H . 4.26 -28.34 -22.48
O4 SO4 H . 5.02 -29.15 -20.37
ZN ZN I . 6.60 18.20 1.94
ZN ZN J . 9.50 17.94 2.70
S SO4 K . 4.87 10.58 3.63
O1 SO4 K . 4.47 9.17 3.61
O2 SO4 K . 6.31 10.66 3.39
O3 SO4 K . 4.14 11.30 2.59
O4 SO4 K . 4.57 11.15 4.93
S SO4 L . -0.42 18.82 10.77
O1 SO4 L . 0.07 19.51 9.58
O2 SO4 L . -0.07 19.60 11.96
O3 SO4 L . -1.86 18.67 10.69
O4 SO4 L . 0.21 17.51 10.86
S SO4 M . -3.84 22.50 16.44
O1 SO4 M . -4.75 23.57 16.85
O2 SO4 M . -3.51 22.65 15.03
O3 SO4 M . -2.61 22.58 17.24
O4 SO4 M . -4.48 21.21 16.67
S SO4 N . -6.64 28.79 22.91
O1 SO4 N . -5.80 27.68 23.38
O2 SO4 N . -7.67 28.28 22.01
O3 SO4 N . -7.26 29.44 24.06
O4 SO4 N . -5.80 29.75 22.19
S SO4 O . 13.71 -3.59 -3.02
O1 SO4 O . 15.01 -3.97 -2.48
O2 SO4 O . 13.89 -2.95 -4.33
O3 SO4 O . 12.89 -4.79 -3.19
O4 SO4 O . 13.04 -2.67 -2.11
#